data_4BO7
#
_entry.id   4BO7
#
_cell.length_a   54.210
_cell.length_b   109.460
_cell.length_c   147.460
_cell.angle_alpha   90.00
_cell.angle_beta   90.00
_cell.angle_gamma   90.00
#
_symmetry.space_group_name_H-M   'P 21 21 21'
#
loop_
_entity.id
_entity.type
_entity.pdbx_description
1 polymer '3-OXOACYL-[ACYL-CARRIER-PROTEIN] REDUCTASE FABG'
2 non-polymer N-(2,3-dihydro-1H-inden-5-yl)tetrazolo[1,5-b]pyridazin-6-amine
3 water water
#
_entity_poly.entity_id   1
_entity_poly.type   'polypeptide(L)'
_entity_poly.pdbx_seq_one_letter_code
;MHHHHHHSSGVDLGTENLYFQSMSLQGKVALVTGASRGIGQAIALELGRLGAVVIGTATSASGAEKIAETLKANGVEGAG
LVLDVSSDESVAATLEHIQQHLGQPLIVVNNAGITRDNLLVRMKDDEWFDVVNTNLNSLYRLSKAVLRGMTKARWGRIIN
IGSVVGAMGNAGQTNYAAAKAGLEGFTRALAREVGSRAITVNAVAPGFIDTDMTRELPEAQREALLGQIPLGRLGQAEEI
AKVVGFLASDGAAYVTGATVPVNGGMYMS
;
_entity_poly.pdbx_strand_id   A,B,C,D
#
# COMPACT_ATOMS: atom_id res chain seq x y z
N GLN A 21 22.64 -3.36 -26.06
CA GLN A 21 21.73 -2.55 -26.96
C GLN A 21 20.91 -1.50 -26.17
N SER A 22 19.81 -1.92 -25.55
CA SER A 22 19.16 -1.08 -24.50
C SER A 22 20.09 -1.02 -23.27
N MET A 23 20.60 -2.20 -22.89
CA MET A 23 21.53 -2.33 -21.74
C MET A 23 22.87 -1.59 -21.82
N SER A 24 23.36 -1.20 -23.00
CA SER A 24 24.51 -0.32 -23.04
C SER A 24 24.28 1.05 -22.37
N LEU A 25 25.21 1.38 -21.50
CA LEU A 25 25.37 2.72 -20.92
C LEU A 25 26.60 3.42 -21.46
N GLN A 26 27.12 2.89 -22.56
CA GLN A 26 28.24 3.44 -23.30
C GLN A 26 27.99 4.91 -23.57
N GLY A 27 28.98 5.74 -23.26
CA GLY A 27 28.88 7.17 -23.49
C GLY A 27 28.15 7.95 -22.42
N LYS A 28 27.79 7.31 -21.30
CA LYS A 28 27.11 8.01 -20.18
C LYS A 28 28.02 8.12 -18.95
N VAL A 29 27.86 9.19 -18.20
CA VAL A 29 28.58 9.38 -16.97
C VAL A 29 27.67 9.11 -15.79
N ALA A 30 28.13 8.26 -14.87
CA ALA A 30 27.32 7.88 -13.72
C ALA A 30 27.98 8.27 -12.39
N LEU A 31 27.18 8.84 -11.50
CA LEU A 31 27.64 9.20 -10.18
C LEU A 31 26.97 8.29 -9.17
N VAL A 32 27.78 7.56 -8.41
CA VAL A 32 27.31 6.58 -7.44
C VAL A 32 27.92 6.97 -6.13
N THR A 33 27.10 7.39 -5.18
CA THR A 33 27.61 7.82 -3.88
C THR A 33 27.80 6.59 -3.01
N GLY A 34 28.73 6.68 -2.04
CA GLY A 34 28.95 5.63 -1.08
C GLY A 34 29.35 4.37 -1.79
N ALA A 35 30.42 4.43 -2.58
CA ALA A 35 30.78 3.38 -3.53
C ALA A 35 31.99 2.61 -3.12
N SER A 36 32.43 2.77 -1.86
CA SER A 36 33.69 2.16 -1.44
C SER A 36 33.59 0.68 -1.08
N ARG A 37 32.37 0.24 -0.75
CA ARG A 37 32.17 -1.18 -0.41
C ARG A 37 30.73 -1.57 -0.65
N GLY A 38 30.43 -2.85 -0.41
CA GLY A 38 29.06 -3.37 -0.43
C GLY A 38 28.26 -3.09 -1.68
N ILE A 39 27.02 -2.70 -1.46
CA ILE A 39 26.09 -2.44 -2.52
C ILE A 39 26.55 -1.30 -3.43
N GLY A 40 27.05 -0.22 -2.86
CA GLY A 40 27.59 0.87 -3.64
C GLY A 40 28.68 0.44 -4.61
N GLN A 41 29.65 -0.31 -4.09
CA GLN A 41 30.77 -0.77 -4.93
C GLN A 41 30.24 -1.62 -6.08
N ALA A 42 29.29 -2.47 -5.75
CA ALA A 42 28.76 -3.41 -6.72
C ALA A 42 27.97 -2.68 -7.81
N ILE A 43 27.19 -1.69 -7.41
CA ILE A 43 26.53 -0.82 -8.35
C ILE A 43 27.54 -0.12 -9.30
N ALA A 44 28.61 0.46 -8.75
CA ALA A 44 29.62 1.13 -9.58
C ALA A 44 30.27 0.18 -10.57
N LEU A 45 30.54 -1.04 -10.13
CA LEU A 45 31.09 -2.04 -11.05
C LEU A 45 30.13 -2.46 -12.14
N GLU A 46 28.83 -2.52 -11.83
CA GLU A 46 27.84 -2.98 -12.80
C GLU A 46 27.63 -1.90 -13.86
N LEU A 47 27.54 -0.64 -13.44
CA LEU A 47 27.40 0.44 -14.37
C LEU A 47 28.66 0.53 -15.24
N GLY A 48 29.82 0.35 -14.63
CA GLY A 48 31.07 0.28 -15.40
C GLY A 48 31.04 -0.84 -16.43
N ARG A 49 30.64 -2.03 -15.98
CA ARG A 49 30.56 -3.20 -16.84
CA ARG A 49 30.57 -3.20 -16.83
C ARG A 49 29.62 -2.95 -18.00
N LEU A 50 28.56 -2.18 -17.76
CA LEU A 50 27.60 -1.85 -18.82
C LEU A 50 28.09 -0.73 -19.75
N GLY A 51 29.31 -0.25 -19.53
CA GLY A 51 29.94 0.74 -20.39
C GLY A 51 29.96 2.19 -19.92
N ALA A 52 29.40 2.48 -18.75
CA ALA A 52 29.39 3.83 -18.23
C ALA A 52 30.79 4.22 -17.78
N VAL A 53 31.08 5.52 -17.85
CA VAL A 53 32.18 6.10 -17.12
C VAL A 53 31.65 6.36 -15.71
N VAL A 54 32.36 5.90 -14.67
CA VAL A 54 31.79 5.88 -13.30
C VAL A 54 32.54 6.68 -12.27
N ILE A 55 31.84 7.54 -11.59
CA ILE A 55 32.41 8.30 -10.49
C ILE A 55 31.76 7.84 -9.21
N GLY A 56 32.56 7.15 -8.40
CA GLY A 56 32.12 6.65 -7.12
C GLY A 56 32.58 7.62 -6.06
N THR A 57 31.79 7.77 -4.98
CA THR A 57 32.16 8.67 -3.90
C THR A 57 32.24 7.99 -2.55
N ALA A 58 33.05 8.60 -1.69
CA ALA A 58 33.20 8.21 -0.31
C ALA A 58 33.40 9.47 0.47
N THR A 59 33.33 9.35 1.79
CA THR A 59 33.42 10.50 2.66
C THR A 59 34.86 10.82 3.06
N SER A 60 35.76 9.83 2.91
CA SER A 60 37.19 10.00 3.23
C SER A 60 38.08 9.88 2.00
N ALA A 61 39.24 10.55 2.03
CA ALA A 61 40.26 10.44 0.98
C ALA A 61 40.65 9.00 0.76
N SER A 62 40.76 8.25 1.85
CA SER A 62 41.09 6.83 1.81
C SER A 62 40.07 6.01 1.02
N GLY A 63 38.79 6.24 1.31
CA GLY A 63 37.71 5.56 0.61
C GLY A 63 37.67 5.90 -0.88
N ALA A 64 37.95 7.17 -1.19
CA ALA A 64 37.92 7.64 -2.57
C ALA A 64 39.06 7.07 -3.38
N GLU A 65 40.16 6.78 -2.72
CA GLU A 65 41.34 6.21 -3.37
C GLU A 65 41.10 4.74 -3.59
N LYS A 66 40.45 4.12 -2.61
CA LYS A 66 40.04 2.72 -2.75
C LYS A 66 39.11 2.54 -3.96
N ILE A 67 38.16 3.46 -4.12
CA ILE A 67 37.22 3.39 -5.24
C ILE A 67 37.98 3.47 -6.54
N ALA A 68 38.89 4.43 -6.66
CA ALA A 68 39.69 4.56 -7.88
C ALA A 68 40.44 3.26 -8.18
N GLU A 69 41.01 2.63 -7.16
CA GLU A 69 41.77 1.38 -7.35
C GLU A 69 40.88 0.27 -7.84
N THR A 70 39.72 0.12 -7.19
CA THR A 70 38.77 -0.93 -7.55
C THR A 70 38.29 -0.75 -8.99
N LEU A 71 37.99 0.48 -9.37
CA LEU A 71 37.56 0.74 -10.74
C LEU A 71 38.69 0.38 -11.73
N LYS A 72 39.93 0.74 -11.40
CA LYS A 72 41.08 0.44 -12.27
C LYS A 72 41.25 -1.04 -12.43
N ALA A 73 41.20 -1.77 -11.32
CA ALA A 73 41.31 -3.23 -11.32
C ALA A 73 40.21 -3.94 -12.11
N ASN A 74 39.11 -3.25 -12.42
CA ASN A 74 38.02 -3.87 -13.20
C ASN A 74 37.83 -3.28 -14.60
N GLY A 75 38.81 -2.49 -15.08
CA GLY A 75 38.76 -1.92 -16.43
C GLY A 75 37.80 -0.75 -16.59
N VAL A 76 37.27 -0.24 -15.48
CA VAL A 76 36.24 0.78 -15.52
C VAL A 76 36.89 2.14 -15.54
N GLU A 77 36.59 2.93 -16.57
CA GLU A 77 37.05 4.31 -16.61
C GLU A 77 36.22 5.13 -15.66
N GLY A 78 36.87 6.04 -14.97
CA GLY A 78 36.18 6.99 -14.11
C GLY A 78 37.06 7.54 -13.03
N ALA A 79 36.54 7.60 -11.80
CA ALA A 79 37.29 8.18 -10.70
C ALA A 79 36.62 7.91 -9.37
N GLY A 80 37.38 8.16 -8.30
CA GLY A 80 36.87 8.12 -6.95
C GLY A 80 37.06 9.50 -6.35
N LEU A 81 36.02 10.01 -5.68
CA LEU A 81 36.02 11.35 -5.15
CA LEU A 81 36.03 11.37 -5.14
C LEU A 81 35.53 11.40 -3.72
N VAL A 82 35.80 12.50 -3.05
CA VAL A 82 35.27 12.76 -1.74
C VAL A 82 34.00 13.60 -1.90
N LEU A 83 32.90 13.14 -1.30
CA LEU A 83 31.64 13.89 -1.29
C LEU A 83 30.94 13.76 0.08
N ASP A 84 30.53 14.91 0.62
CA ASP A 84 29.68 14.97 1.81
C ASP A 84 28.30 15.51 1.34
N VAL A 85 27.33 14.60 1.23
CA VAL A 85 26.01 14.93 0.68
C VAL A 85 25.21 15.83 1.62
N SER A 86 25.70 16.01 2.84
CA SER A 86 25.11 16.96 3.78
C SER A 86 25.46 18.41 3.58
N SER A 87 26.39 18.68 2.64
CA SER A 87 27.01 20.01 2.48
C SER A 87 26.84 20.62 1.08
N ASP A 88 26.14 21.74 0.99
CA ASP A 88 25.88 22.36 -0.32
C ASP A 88 27.18 22.66 -1.06
N GLU A 89 28.16 23.13 -0.32
CA GLU A 89 29.45 23.45 -0.88
C GLU A 89 30.11 22.21 -1.52
N SER A 90 30.28 21.14 -0.74
CA SER A 90 30.88 19.88 -1.25
C SER A 90 30.18 19.33 -2.51
N VAL A 91 28.85 19.36 -2.48
CA VAL A 91 28.06 18.95 -3.63
C VAL A 91 28.42 19.77 -4.87
N ALA A 92 28.30 21.10 -4.78
CA ALA A 92 28.55 21.98 -5.92
C ALA A 92 29.98 21.81 -6.46
N ALA A 93 30.93 21.69 -5.53
CA ALA A 93 32.34 21.55 -5.89
C ALA A 93 32.60 20.23 -6.60
N THR A 94 32.07 19.15 -6.02
CA THR A 94 32.17 17.81 -6.61
C THR A 94 31.58 17.77 -8.02
N LEU A 95 30.42 18.36 -8.20
CA LEU A 95 29.81 18.38 -9.54
C LEU A 95 30.68 19.16 -10.51
N GLU A 96 31.19 20.31 -10.08
CA GLU A 96 32.10 21.12 -10.91
C GLU A 96 33.31 20.27 -11.35
N HIS A 97 33.93 19.57 -10.40
CA HIS A 97 35.07 18.71 -10.70
C HIS A 97 34.71 17.67 -11.76
N ILE A 98 33.50 17.12 -11.67
CA ILE A 98 33.07 16.10 -12.62
C ILE A 98 32.88 16.70 -14.00
N GLN A 99 32.18 17.83 -14.05
CA GLN A 99 32.01 18.62 -15.27
C GLN A 99 33.32 18.99 -15.97
N GLN A 100 34.33 19.45 -15.23
CA GLN A 100 35.64 19.83 -15.79
C GLN A 100 36.30 18.65 -16.49
N HIS A 101 36.40 17.53 -15.76
CA HIS A 101 37.20 16.38 -16.18
C HIS A 101 36.45 15.42 -17.12
N LEU A 102 35.17 15.14 -16.83
CA LEU A 102 34.45 14.06 -17.54
C LEU A 102 33.13 14.40 -18.22
N GLY A 103 32.49 15.50 -17.86
CA GLY A 103 31.17 15.83 -18.41
C GLY A 103 30.05 15.59 -17.41
N GLN A 104 28.85 16.01 -17.76
CA GLN A 104 27.71 15.93 -16.85
C GLN A 104 27.25 14.51 -16.48
N PRO A 105 27.11 14.21 -15.18
CA PRO A 105 26.55 12.90 -14.88
C PRO A 105 25.05 12.87 -15.12
N LEU A 106 24.59 11.97 -16.00
CA LEU A 106 23.17 11.82 -16.31
C LEU A 106 22.55 10.57 -15.67
N ILE A 107 23.37 9.76 -15.02
CA ILE A 107 22.89 8.68 -14.16
C ILE A 107 23.42 8.94 -12.76
N VAL A 108 22.54 9.02 -11.78
CA VAL A 108 22.96 9.29 -10.41
C VAL A 108 22.29 8.29 -9.48
N VAL A 109 23.09 7.50 -8.77
CA VAL A 109 22.61 6.54 -7.80
C VAL A 109 22.93 7.00 -6.39
N ASN A 110 21.91 7.32 -5.60
CA ASN A 110 22.11 7.78 -4.22
C ASN A 110 22.12 6.59 -3.33
N ASN A 111 23.27 6.26 -2.79
CA ASN A 111 23.39 5.06 -1.97
C ASN A 111 23.63 5.46 -0.53
N ALA A 112 24.61 6.36 -0.36
CA ALA A 112 24.99 7.01 0.89
C ALA A 112 23.80 7.65 1.65
N LYS A 124 18.46 3.76 19.40
CA LYS A 124 17.60 4.65 20.18
C LYS A 124 16.28 4.86 19.41
N ASP A 125 15.23 5.34 20.08
CA ASP A 125 13.87 5.39 19.49
C ASP A 125 13.18 6.78 19.38
N ASP A 126 13.84 7.85 19.80
CA ASP A 126 13.43 9.23 19.48
C ASP A 126 14.19 9.71 18.24
N GLU A 127 14.97 8.84 17.61
CA GLU A 127 15.91 9.21 16.57
C GLU A 127 15.27 9.26 15.17
N TRP A 128 14.25 8.44 14.93
CA TRP A 128 13.73 8.22 13.58
C TRP A 128 13.43 9.50 12.80
N PHE A 129 12.79 10.45 13.45
CA PHE A 129 12.37 11.64 12.75
C PHE A 129 13.57 12.40 12.21
N ASP A 130 14.58 12.60 13.06
CA ASP A 130 15.78 13.34 12.62
C ASP A 130 16.57 12.59 11.52
N VAL A 131 16.65 11.26 11.63
CA VAL A 131 17.37 10.44 10.64
C VAL A 131 16.75 10.54 9.26
N VAL A 132 15.45 10.26 9.18
CA VAL A 132 14.74 10.28 7.90
C VAL A 132 14.84 11.66 7.26
N ASN A 133 14.59 12.68 8.06
CA ASN A 133 14.64 14.07 7.60
C ASN A 133 15.98 14.43 6.99
N THR A 134 17.05 14.00 7.65
CA THR A 134 18.39 14.21 7.17
C THR A 134 18.67 13.47 5.83
N ASN A 135 18.26 12.20 5.74
CA ASN A 135 18.40 11.48 4.46
C ASN A 135 17.73 12.16 3.31
N LEU A 136 16.50 12.61 3.53
CA LEU A 136 15.73 13.13 2.42
C LEU A 136 16.29 14.48 2.02
N ASN A 137 16.79 15.26 2.98
CA ASN A 137 17.47 16.49 2.62
C ASN A 137 18.72 16.24 1.78
N SER A 138 19.47 15.20 2.10
CA SER A 138 20.62 14.82 1.29
C SER A 138 20.23 14.39 -0.13
N LEU A 139 19.27 13.46 -0.27
CA LEU A 139 18.74 13.12 -1.59
C LEU A 139 18.30 14.37 -2.34
N TYR A 140 17.51 15.21 -1.68
CA TYR A 140 16.95 16.39 -2.32
C TYR A 140 18.03 17.39 -2.79
N ARG A 141 19.02 17.63 -1.93
CA ARG A 141 20.18 18.45 -2.27
C ARG A 141 20.89 17.93 -3.52
N LEU A 142 21.31 16.68 -3.47
CA LEU A 142 22.05 16.07 -4.57
C LEU A 142 21.21 15.98 -5.85
N SER A 143 19.96 15.57 -5.71
CA SER A 143 19.07 15.46 -6.87
C SER A 143 18.86 16.81 -7.55
N LYS A 144 18.53 17.84 -6.79
CA LYS A 144 18.33 19.18 -7.33
C LYS A 144 19.57 19.69 -8.06
N ALA A 145 20.76 19.35 -7.56
CA ALA A 145 22.02 19.79 -8.15
C ALA A 145 22.29 19.12 -9.49
N VAL A 146 22.08 17.82 -9.55
CA VAL A 146 22.33 17.08 -10.79
C VAL A 146 21.25 17.30 -11.84
N LEU A 147 20.10 17.84 -11.43
CA LEU A 147 18.97 18.02 -12.37
C LEU A 147 19.23 19.05 -13.45
N ARG A 148 20.09 20.02 -13.21
CA ARG A 148 20.32 21.03 -14.20
C ARG A 148 20.92 20.40 -15.45
N GLY A 149 21.92 19.54 -15.26
CA GLY A 149 22.53 18.87 -16.37
C GLY A 149 21.60 17.91 -17.07
N MET A 150 20.73 17.28 -16.31
CA MET A 150 19.76 16.35 -16.89
C MET A 150 18.69 17.10 -17.69
N THR A 151 18.23 18.21 -17.14
CA THR A 151 17.31 19.10 -17.83
C THR A 151 17.87 19.62 -19.17
N LYS A 152 19.12 20.05 -19.19
CA LYS A 152 19.78 20.43 -20.44
C LYS A 152 19.74 19.28 -21.42
N ALA A 153 20.14 18.10 -20.96
CA ALA A 153 20.30 16.95 -21.84
C ALA A 153 18.98 16.36 -22.30
N ARG A 154 17.90 16.73 -21.61
CA ARG A 154 16.57 16.14 -21.78
C ARG A 154 16.60 14.61 -21.59
N TRP A 155 17.38 14.17 -20.62
CA TRP A 155 17.51 12.74 -20.33
C TRP A 155 18.14 12.58 -18.95
N GLY A 156 17.64 11.63 -18.18
CA GLY A 156 18.22 11.38 -16.88
C GLY A 156 17.75 10.09 -16.23
N ARG A 157 18.55 9.62 -15.29
CA ARG A 157 18.23 8.51 -14.40
C ARG A 157 18.75 8.83 -12.98
N ILE A 158 17.82 8.99 -12.04
CA ILE A 158 18.12 9.10 -10.62
C ILE A 158 17.55 7.87 -9.95
N ILE A 159 18.40 7.18 -9.20
CA ILE A 159 18.01 5.93 -8.56
C ILE A 159 18.44 5.99 -7.10
N ASN A 160 17.50 5.80 -6.20
CA ASN A 160 17.76 5.87 -4.75
C ASN A 160 17.80 4.53 -4.06
N ILE A 161 18.88 4.24 -3.35
CA ILE A 161 18.96 2.93 -2.70
C ILE A 161 18.47 3.07 -1.28
N GLY A 162 17.46 2.30 -0.91
CA GLY A 162 17.01 2.26 0.47
C GLY A 162 17.96 1.51 1.38
N SER A 163 17.66 1.54 2.67
CA SER A 163 18.55 0.92 3.65
C SER A 163 18.34 -0.61 3.73
N VAL A 164 19.42 -1.31 4.08
CA VAL A 164 19.40 -2.75 4.24
C VAL A 164 18.75 -3.10 5.58
N VAL A 165 18.13 -4.28 5.62
CA VAL A 165 17.48 -4.77 6.83
C VAL A 165 18.44 -5.33 7.87
N GLY A 166 18.15 -5.11 9.14
CA GLY A 166 18.95 -5.68 10.22
C GLY A 166 19.36 -4.59 11.17
N ALA A 167 18.37 -4.22 11.95
CA ALA A 167 18.62 -3.44 13.13
C ALA A 167 17.69 -4.03 14.15
N MET A 168 18.20 -4.12 15.36
CA MET A 168 17.55 -4.95 16.34
C MET A 168 16.45 -4.21 17.11
N GLY A 169 15.43 -5.00 17.40
CA GLY A 169 14.31 -4.55 18.18
C GLY A 169 13.24 -3.71 17.51
N ASN A 170 12.58 -2.91 18.33
CA ASN A 170 11.44 -2.11 17.90
C ASN A 170 11.91 -0.76 17.38
N ALA A 171 12.90 -0.18 18.05
CA ALA A 171 13.52 1.04 17.59
C ALA A 171 14.06 0.90 16.16
N GLY A 172 14.72 -0.22 15.89
CA GLY A 172 15.23 -0.52 14.55
C GLY A 172 14.14 -0.64 13.48
N GLN A 173 13.11 -1.43 13.76
CA GLN A 173 12.00 -1.62 12.82
C GLN A 173 11.25 -0.31 12.57
N THR A 174 11.17 0.55 13.60
CA THR A 174 10.52 1.84 13.48
C THR A 174 11.29 2.74 12.53
N ASN A 175 12.59 2.81 12.76
CA ASN A 175 13.52 3.59 11.95
C ASN A 175 13.55 3.09 10.47
N TYR A 176 13.60 1.76 10.29
CA TYR A 176 13.60 1.16 8.96
C TYR A 176 12.30 1.46 8.17
N ALA A 177 11.15 1.36 8.83
CA ALA A 177 9.85 1.57 8.17
C ALA A 177 9.63 3.03 7.85
N ALA A 178 10.07 3.90 8.74
CA ALA A 178 9.94 5.34 8.53
C ALA A 178 10.76 5.77 7.34
N ALA A 179 12.02 5.31 7.31
CA ALA A 179 12.92 5.62 6.20
C ALA A 179 12.34 5.11 4.88
N LYS A 180 11.83 3.89 4.90
CA LYS A 180 11.31 3.29 3.66
C LYS A 180 10.09 4.04 3.16
N ALA A 181 9.19 4.45 4.06
CA ALA A 181 8.00 5.18 3.65
C ALA A 181 8.38 6.56 3.11
N GLY A 182 9.33 7.21 3.75
CA GLY A 182 9.81 8.52 3.28
C GLY A 182 10.48 8.43 1.92
N LEU A 183 11.31 7.42 1.74
CA LEU A 183 11.95 7.18 0.46
C LEU A 183 10.93 6.93 -0.67
N GLU A 184 9.94 6.08 -0.41
CA GLU A 184 8.95 5.77 -1.45
C GLU A 184 8.23 7.02 -1.93
N GLY A 185 7.73 7.81 -0.99
CA GLY A 185 6.94 8.97 -1.35
C GLY A 185 7.79 10.03 -1.98
N PHE A 186 9.00 10.19 -1.45
CA PHE A 186 9.97 11.10 -2.03
C PHE A 186 10.24 10.70 -3.46
N THR A 187 10.45 9.43 -3.70
CA THR A 187 10.80 8.96 -5.05
C THR A 187 9.63 9.19 -6.04
N ARG A 188 8.43 8.91 -5.56
CA ARG A 188 7.21 9.06 -6.36
C ARG A 188 6.99 10.53 -6.70
N ALA A 189 7.23 11.42 -5.74
CA ALA A 189 7.03 12.85 -5.94
C ALA A 189 8.04 13.47 -6.88
N LEU A 190 9.31 13.20 -6.64
CA LEU A 190 10.34 13.76 -7.49
C LEU A 190 10.14 13.28 -8.94
N ALA A 191 9.77 12.03 -9.11
CA ALA A 191 9.45 11.50 -10.44
C ALA A 191 8.41 12.33 -11.18
N ARG A 192 7.38 12.79 -10.47
CA ARG A 192 6.33 13.63 -11.05
C ARG A 192 6.85 15.01 -11.41
N GLU A 193 7.67 15.59 -10.55
CA GLU A 193 8.22 16.91 -10.80
C GLU A 193 9.05 16.91 -12.10
N VAL A 194 9.85 15.88 -12.33
CA VAL A 194 10.85 15.92 -13.40
C VAL A 194 10.50 15.08 -14.60
N GLY A 195 9.35 14.42 -14.58
CA GLY A 195 9.02 13.46 -15.63
C GLY A 195 8.96 14.01 -17.05
N SER A 196 8.37 15.19 -17.20
CA SER A 196 8.21 15.80 -18.52
C SER A 196 9.56 16.04 -19.21
N ARG A 197 10.66 16.00 -18.45
CA ARG A 197 12.00 16.19 -19.01
C ARG A 197 12.69 14.88 -19.41
N ALA A 198 11.92 13.78 -19.48
CA ALA A 198 12.48 12.45 -19.80
C ALA A 198 13.58 12.02 -18.79
N ILE A 199 13.37 12.40 -17.54
CA ILE A 199 14.21 11.96 -16.46
C ILE A 199 13.35 11.02 -15.63
N THR A 200 13.85 9.82 -15.35
CA THR A 200 13.15 8.91 -14.46
C THR A 200 13.76 8.89 -13.06
N VAL A 201 12.90 8.64 -12.08
CA VAL A 201 13.32 8.60 -10.68
C VAL A 201 12.71 7.37 -10.02
N ASN A 202 13.57 6.46 -9.62
CA ASN A 202 13.13 5.20 -9.07
C ASN A 202 13.93 4.87 -7.84
N ALA A 203 13.52 3.87 -7.11
CA ALA A 203 14.21 3.51 -5.90
C ALA A 203 14.33 2.02 -5.83
N VAL A 204 15.29 1.53 -5.05
CA VAL A 204 15.45 0.08 -4.85
C VAL A 204 15.45 -0.22 -3.38
N ALA A 205 14.57 -1.10 -2.94
CA ALA A 205 14.41 -1.38 -1.52
C ALA A 205 15.02 -2.73 -1.20
N PRO A 206 16.27 -2.75 -0.71
CA PRO A 206 16.87 -4.02 -0.43
C PRO A 206 16.27 -4.69 0.78
N GLY A 207 16.35 -6.01 0.79
CA GLY A 207 15.99 -6.81 1.97
C GLY A 207 17.27 -7.12 2.74
N PHE A 208 17.49 -8.40 3.03
CA PHE A 208 18.63 -8.82 3.83
C PHE A 208 19.75 -9.24 2.89
N ILE A 209 20.76 -8.39 2.80
CA ILE A 209 21.81 -8.52 1.82
C ILE A 209 23.10 -8.82 2.56
N ASP A 210 23.86 -9.75 2.00
CA ASP A 210 25.18 -10.13 2.52
C ASP A 210 26.18 -8.97 2.39
N THR A 211 26.42 -8.23 3.47
CA THR A 211 27.39 -7.11 3.51
C THR A 211 28.22 -7.17 4.80
N ASP A 212 29.38 -6.51 4.80
CA ASP A 212 30.20 -6.36 6.02
C ASP A 212 29.39 -5.96 7.27
N MET A 213 28.43 -5.06 7.11
CA MET A 213 27.59 -4.65 8.22
C MET A 213 26.66 -5.78 8.75
N THR A 214 26.09 -6.59 7.86
CA THR A 214 25.20 -7.70 8.24
C THR A 214 25.95 -8.96 8.69
N ARG A 215 27.18 -9.13 8.24
CA ARG A 215 27.99 -10.26 8.68
C ARG A 215 28.32 -10.16 10.16
N GLU A 216 28.46 -8.92 10.64
CA GLU A 216 28.81 -8.62 12.04
C GLU A 216 27.58 -8.55 12.95
N LEU A 217 26.38 -8.80 12.41
CA LEU A 217 25.19 -8.95 13.24
C LEU A 217 25.33 -10.21 14.05
N PRO A 218 24.77 -10.22 15.26
CA PRO A 218 24.81 -11.45 16.06
C PRO A 218 24.16 -12.58 15.29
N GLU A 219 24.69 -13.78 15.49
CA GLU A 219 24.27 -14.93 14.74
C GLU A 219 22.78 -15.21 14.96
N ALA A 220 22.26 -14.92 16.13
CA ALA A 220 20.89 -15.23 16.45
C ALA A 220 19.92 -14.41 15.60
N GLN A 221 20.20 -13.11 15.51
CA GLN A 221 19.41 -12.17 14.74
C GLN A 221 19.43 -12.54 13.24
N ARG A 222 20.57 -13.06 12.81
CA ARG A 222 20.76 -13.45 11.43
C ARG A 222 19.95 -14.65 11.06
N GLU A 223 20.01 -15.68 11.89
CA GLU A 223 19.29 -16.92 11.62
C GLU A 223 17.79 -16.64 11.60
N ALA A 224 17.33 -15.72 12.45
CA ALA A 224 15.91 -15.38 12.57
C ALA A 224 15.42 -14.60 11.35
N LEU A 225 16.29 -13.74 10.83
CA LEU A 225 16.08 -13.05 9.57
C LEU A 225 16.01 -14.01 8.40
N LEU A 226 16.98 -14.93 8.31
CA LEU A 226 17.06 -15.93 7.25
C LEU A 226 15.79 -16.76 7.16
N GLY A 227 15.22 -17.09 8.31
CA GLY A 227 13.99 -17.91 8.36
C GLY A 227 12.74 -17.23 7.82
N GLN A 228 12.78 -15.90 7.73
CA GLN A 228 11.65 -15.11 7.23
C GLN A 228 11.74 -14.84 5.71
N ILE A 229 12.75 -15.40 5.03
CA ILE A 229 12.98 -15.13 3.62
C ILE A 229 12.65 -16.37 2.79
N PRO A 230 11.56 -16.31 2.00
CA PRO A 230 11.17 -17.45 1.17
C PRO A 230 12.33 -18.07 0.35
N LEU A 231 13.19 -17.26 -0.25
CA LEU A 231 14.31 -17.83 -1.00
C LEU A 231 15.34 -18.55 -0.11
N GLY A 232 15.27 -18.35 1.20
CA GLY A 232 16.13 -19.07 2.14
C GLY A 232 17.60 -18.70 2.06
N ARG A 233 17.91 -17.53 1.51
CA ARG A 233 19.28 -17.05 1.51
C ARG A 233 19.34 -15.54 1.61
N LEU A 234 20.52 -15.04 1.96
CA LEU A 234 20.80 -13.62 1.82
C LEU A 234 20.89 -13.24 0.35
N GLY A 235 20.53 -12.01 0.05
CA GLY A 235 20.78 -11.45 -1.27
C GLY A 235 22.25 -11.10 -1.41
N GLN A 236 22.76 -11.15 -2.63
CA GLN A 236 24.09 -10.65 -2.91
C GLN A 236 24.01 -9.18 -3.30
N ALA A 237 25.09 -8.45 -3.03
CA ALA A 237 25.18 -7.04 -3.43
C ALA A 237 25.03 -6.91 -4.94
N GLU A 238 25.66 -7.82 -5.70
CA GLU A 238 25.54 -7.84 -7.17
C GLU A 238 24.03 -7.89 -7.58
N GLU A 239 23.20 -8.59 -6.81
CA GLU A 239 21.78 -8.73 -7.13
C GLU A 239 20.97 -7.44 -6.95
N ILE A 240 21.41 -6.55 -6.07
CA ILE A 240 20.91 -5.19 -6.06
C ILE A 240 21.43 -4.41 -7.29
N ALA A 241 22.73 -4.55 -7.57
CA ALA A 241 23.35 -3.81 -8.67
C ALA A 241 22.70 -4.11 -10.01
N LYS A 242 22.27 -5.35 -10.20
CA LYS A 242 21.68 -5.72 -11.47
C LYS A 242 20.40 -4.99 -11.70
N VAL A 243 19.60 -4.85 -10.64
CA VAL A 243 18.35 -4.11 -10.72
C VAL A 243 18.64 -2.67 -11.06
N VAL A 244 19.64 -2.08 -10.39
CA VAL A 244 20.03 -0.70 -10.66
C VAL A 244 20.45 -0.55 -12.12
N GLY A 245 21.21 -1.52 -12.63
CA GLY A 245 21.73 -1.44 -13.99
C GLY A 245 20.59 -1.44 -14.97
N PHE A 246 19.62 -2.29 -14.72
CA PHE A 246 18.45 -2.30 -15.57
C PHE A 246 17.69 -0.97 -15.56
N LEU A 247 17.44 -0.42 -14.37
CA LEU A 247 16.69 0.81 -14.24
C LEU A 247 17.40 1.96 -14.95
N ALA A 248 18.72 1.91 -14.97
CA ALA A 248 19.56 2.92 -15.64
C ALA A 248 19.53 2.81 -17.18
N SER A 249 19.10 1.68 -17.72
CA SER A 249 19.07 1.46 -19.16
C SER A 249 17.90 2.14 -19.87
N ASP A 250 17.96 2.14 -21.19
CA ASP A 250 16.91 2.72 -22.01
C ASP A 250 15.63 1.89 -21.91
N GLY A 251 15.75 0.60 -21.72
CA GLY A 251 14.57 -0.27 -21.63
C GLY A 251 13.71 -0.02 -20.41
N ALA A 252 14.26 0.67 -19.42
CA ALA A 252 13.49 1.06 -18.23
C ALA A 252 12.93 2.49 -18.31
N ALA A 253 12.81 3.02 -19.52
CA ALA A 253 12.46 4.43 -19.70
C ALA A 253 11.03 4.73 -19.30
N TYR A 254 10.15 3.72 -19.31
CA TYR A 254 8.75 3.94 -18.92
C TYR A 254 8.50 3.55 -17.46
N VAL A 255 9.56 3.17 -16.75
CA VAL A 255 9.48 2.94 -15.30
C VAL A 255 9.95 4.20 -14.58
N THR A 256 9.05 4.84 -13.84
CA THR A 256 9.44 6.01 -13.02
C THR A 256 8.52 6.13 -11.81
N GLY A 257 9.07 6.63 -10.69
CA GLY A 257 8.31 6.78 -9.44
C GLY A 257 8.17 5.48 -8.67
N ALA A 258 8.81 4.44 -9.17
CA ALA A 258 8.67 3.09 -8.63
C ALA A 258 9.72 2.81 -7.57
N THR A 259 9.33 1.99 -6.60
CA THR A 259 10.27 1.41 -5.66
C THR A 259 10.20 -0.09 -5.92
N VAL A 260 11.29 -0.65 -6.44
CA VAL A 260 11.42 -2.06 -6.71
C VAL A 260 12.01 -2.78 -5.46
N PRO A 261 11.24 -3.67 -4.86
CA PRO A 261 11.82 -4.38 -3.73
C PRO A 261 12.65 -5.54 -4.22
N VAL A 262 13.82 -5.72 -3.58
CA VAL A 262 14.78 -6.77 -3.92
C VAL A 262 15.13 -7.48 -2.65
N ASN A 263 14.25 -8.38 -2.25
CA ASN A 263 14.30 -8.90 -0.89
C ASN A 263 14.01 -10.38 -0.71
N GLY A 264 14.11 -11.16 -1.78
CA GLY A 264 13.93 -12.61 -1.69
C GLY A 264 12.56 -13.03 -1.20
N GLY A 265 11.58 -12.11 -1.23
CA GLY A 265 10.21 -12.39 -0.80
C GLY A 265 9.83 -12.04 0.62
N MET A 266 10.76 -11.48 1.38
CA MET A 266 10.48 -11.01 2.75
C MET A 266 9.96 -9.60 2.69
N TYR A 267 8.67 -9.40 2.96
CA TYR A 267 8.10 -8.02 2.96
C TYR A 267 7.61 -7.60 4.34
N MET A 268 7.94 -6.38 4.73
CA MET A 268 7.50 -5.83 6.02
C MET A 268 6.54 -4.68 5.81
N SER A 269 5.58 -4.57 6.74
CA SER A 269 4.81 -3.34 6.96
C SER A 269 5.34 -2.61 8.21
N SER B 24 -18.32 9.05 25.59
CA SER B 24 -18.01 10.27 26.41
C SER B 24 -16.52 10.63 26.47
N LEU B 25 -16.27 11.90 26.22
CA LEU B 25 -14.98 12.54 26.44
C LEU B 25 -15.05 13.51 27.62
N GLN B 26 -16.11 13.35 28.42
CA GLN B 26 -16.30 14.09 29.66
C GLN B 26 -15.04 14.03 30.50
N GLY B 27 -14.62 15.19 31.00
CA GLY B 27 -13.45 15.28 31.85
C GLY B 27 -12.11 15.33 31.13
N LYS B 28 -12.11 15.34 29.79
CA LYS B 28 -10.86 15.38 29.02
C LYS B 28 -10.68 16.75 28.41
N VAL B 29 -9.43 17.17 28.28
CA VAL B 29 -9.12 18.40 27.63
C VAL B 29 -8.55 18.12 26.23
N ALA B 30 -9.12 18.78 25.24
CA ALA B 30 -8.72 18.57 23.86
C ALA B 30 -8.16 19.83 23.23
N LEU B 31 -7.07 19.69 22.50
CA LEU B 31 -6.46 20.78 21.78
C LEU B 31 -6.62 20.51 20.29
N VAL B 32 -7.30 21.42 19.60
CA VAL B 32 -7.57 21.30 18.18
C VAL B 32 -7.00 22.53 17.51
N THR B 33 -5.99 22.35 16.69
CA THR B 33 -5.37 23.48 16.04
C THR B 33 -6.14 23.82 14.78
N GLY B 34 -6.04 25.08 14.36
CA GLY B 34 -6.72 25.55 13.15
C GLY B 34 -8.20 25.30 13.26
N ALA B 35 -8.83 25.86 14.29
CA ALA B 35 -10.23 25.54 14.65
C ALA B 35 -11.22 26.64 14.34
N SER B 36 -10.81 27.63 13.56
CA SER B 36 -11.65 28.82 13.37
C SER B 36 -12.73 28.62 12.31
N ARG B 37 -12.51 27.66 11.41
CA ARG B 37 -13.48 27.39 10.36
C ARG B 37 -13.32 25.96 9.86
N GLY B 38 -14.20 25.57 8.94
CA GLY B 38 -14.11 24.30 8.25
C GLY B 38 -14.02 23.06 9.12
N ILE B 39 -13.14 22.17 8.72
CA ILE B 39 -12.92 20.90 9.37
C ILE B 39 -12.49 21.08 10.82
N GLY B 40 -11.55 22.00 11.06
CA GLY B 40 -11.13 22.30 12.43
C GLY B 40 -12.29 22.70 13.35
N GLN B 41 -13.11 23.64 12.90
CA GLN B 41 -14.24 24.11 13.71
C GLN B 41 -15.18 22.97 14.03
N ALA B 42 -15.41 22.13 13.03
CA ALA B 42 -16.34 21.02 13.15
C ALA B 42 -15.80 19.97 14.11
N ILE B 43 -14.50 19.71 14.02
CA ILE B 43 -13.83 18.84 14.99
C ILE B 43 -13.96 19.35 16.44
N ALA B 44 -13.69 20.64 16.65
CA ALA B 44 -13.82 21.24 18.00
C ALA B 44 -15.24 21.13 18.52
N LEU B 45 -16.23 21.38 17.66
CA LEU B 45 -17.61 21.23 18.10
C LEU B 45 -17.98 19.80 18.42
N GLU B 46 -17.42 18.83 17.70
CA GLU B 46 -17.79 17.42 17.90
C GLU B 46 -17.21 16.94 19.22
N LEU B 47 -15.95 17.31 19.48
CA LEU B 47 -15.30 16.93 20.74
C LEU B 47 -16.02 17.63 21.91
N GLY B 48 -16.42 18.87 21.72
CA GLY B 48 -17.23 19.57 22.71
C GLY B 48 -18.53 18.87 22.99
N ARG B 49 -19.21 18.49 21.89
CA ARG B 49 -20.50 17.81 21.97
C ARG B 49 -20.33 16.50 22.71
N LEU B 50 -19.19 15.83 22.53
CA LEU B 50 -18.92 14.58 23.21
C LEU B 50 -18.45 14.80 24.65
N GLY B 51 -18.44 16.04 25.12
CA GLY B 51 -18.17 16.37 26.54
C GLY B 51 -16.78 16.88 26.89
N ALA B 52 -15.89 16.99 25.91
CA ALA B 52 -14.56 17.46 26.14
C ALA B 52 -14.57 18.95 26.42
N VAL B 53 -13.59 19.40 27.23
CA VAL B 53 -13.27 20.81 27.36
C VAL B 53 -12.35 21.06 26.17
N VAL B 54 -12.66 22.07 25.35
CA VAL B 54 -11.99 22.22 24.06
C VAL B 54 -11.21 23.53 23.90
N ILE B 55 -9.94 23.40 23.55
CA ILE B 55 -9.13 24.57 23.21
C ILE B 55 -8.84 24.53 21.74
N GLY B 56 -9.45 25.46 21.01
CA GLY B 56 -9.26 25.62 19.58
C GLY B 56 -8.24 26.70 19.34
N THR B 57 -7.43 26.56 18.29
CA THR B 57 -6.40 27.55 17.99
C THR B 57 -6.53 28.16 16.60
N ALA B 58 -6.02 29.37 16.48
CA ALA B 58 -5.95 30.11 15.24
C ALA B 58 -4.66 30.88 15.28
N THR B 59 -4.29 31.46 14.15
CA THR B 59 -3.03 32.17 14.03
C THR B 59 -3.19 33.67 14.36
N SER B 60 -4.41 34.18 14.34
CA SER B 60 -4.71 35.59 14.66
C SER B 60 -5.59 35.73 15.88
N ALA B 61 -5.45 36.85 16.59
CA ALA B 61 -6.30 37.18 17.73
C ALA B 61 -7.76 37.14 17.34
N SER B 62 -8.05 37.62 16.15
CA SER B 62 -9.41 37.65 15.64
C SER B 62 -10.00 36.23 15.50
N GLY B 63 -9.22 35.31 14.93
CA GLY B 63 -9.62 33.92 14.78
C GLY B 63 -9.83 33.23 16.11
N ALA B 64 -8.96 33.55 17.08
CA ALA B 64 -9.04 32.95 18.40
C ALA B 64 -10.28 33.43 19.15
N GLU B 65 -10.71 34.64 18.85
CA GLU B 65 -11.88 35.23 19.50
C GLU B 65 -13.13 34.64 18.87
N LYS B 66 -13.06 34.42 17.57
CA LYS B 66 -14.12 33.76 16.87
C LYS B 66 -14.34 32.36 17.47
N ILE B 67 -13.25 31.65 17.72
CA ILE B 67 -13.33 30.30 18.27
C ILE B 67 -14.04 30.33 19.62
N ALA B 68 -13.60 31.22 20.50
CA ALA B 68 -14.23 31.37 21.81
C ALA B 68 -15.73 31.64 21.71
N GLU B 69 -16.12 32.52 20.79
CA GLU B 69 -17.55 32.81 20.56
C GLU B 69 -18.32 31.58 20.08
N THR B 70 -17.77 30.87 19.09
CA THR B 70 -18.40 29.68 18.53
C THR B 70 -18.60 28.63 19.61
N LEU B 71 -17.57 28.45 20.45
CA LEU B 71 -17.66 27.45 21.51
C LEU B 71 -18.77 27.85 22.48
N LYS B 72 -18.83 29.13 22.82
CA LYS B 72 -19.84 29.62 23.76
C LYS B 72 -21.23 29.39 23.23
N ALA B 73 -21.45 29.81 21.98
CA ALA B 73 -22.70 29.62 21.31
C ALA B 73 -23.18 28.15 21.23
N ASN B 74 -22.29 27.19 21.43
CA ASN B 74 -22.66 25.77 21.33
C ASN B 74 -22.61 25.02 22.67
N GLY B 75 -22.48 25.75 23.77
CA GLY B 75 -22.44 25.14 25.10
C GLY B 75 -21.14 24.42 25.43
N VAL B 76 -20.10 24.65 24.65
CA VAL B 76 -18.83 23.96 24.84
C VAL B 76 -17.91 24.77 25.75
N GLU B 77 -17.47 24.16 26.84
CA GLU B 77 -16.53 24.81 27.73
C GLU B 77 -15.14 24.72 27.11
N GLY B 78 -14.36 25.79 27.23
CA GLY B 78 -12.99 25.80 26.76
C GLY B 78 -12.48 27.19 26.45
N ALA B 79 -11.78 27.33 25.34
CA ALA B 79 -11.19 28.61 24.99
C ALA B 79 -10.67 28.63 23.56
N GLY B 80 -10.37 29.84 23.09
CA GLY B 80 -9.75 30.05 21.81
C GLY B 80 -8.44 30.76 22.04
N LEU B 81 -7.37 30.28 21.40
CA LEU B 81 -6.01 30.80 21.62
CA LEU B 81 -6.02 30.80 21.63
C LEU B 81 -5.28 31.05 20.31
N VAL B 82 -4.20 31.81 20.39
CA VAL B 82 -3.32 32.04 19.29
C VAL B 82 -2.14 31.09 19.37
N LEU B 83 -1.92 30.34 18.30
CA LEU B 83 -0.83 29.36 18.23
C LEU B 83 -0.21 29.36 16.84
N ASP B 84 1.13 29.46 16.80
CA ASP B 84 1.92 29.30 15.57
C ASP B 84 2.75 27.99 15.76
N VAL B 85 2.31 26.93 15.08
CA VAL B 85 2.91 25.60 15.25
C VAL B 85 4.32 25.51 14.65
N SER B 86 4.70 26.53 13.88
CA SER B 86 6.07 26.61 13.35
C SER B 86 7.08 27.14 14.39
N SER B 87 6.62 27.56 15.57
CA SER B 87 7.46 28.25 16.56
C SER B 87 7.56 27.57 17.93
N ASP B 88 8.76 27.15 18.32
CA ASP B 88 8.95 26.46 19.60
C ASP B 88 8.44 27.28 20.76
N GLU B 89 8.70 28.59 20.71
CA GLU B 89 8.27 29.49 21.76
C GLU B 89 6.74 29.51 21.92
N SER B 90 6.02 29.82 20.84
CA SER B 90 4.55 29.85 20.85
C SER B 90 3.94 28.55 21.35
N VAL B 91 4.48 27.42 20.91
CA VAL B 91 4.02 26.11 21.36
C VAL B 91 4.16 25.99 22.88
N ALA B 92 5.36 26.19 23.41
CA ALA B 92 5.62 26.05 24.84
C ALA B 92 4.74 26.97 25.66
N ALA B 93 4.59 28.20 25.19
CA ALA B 93 3.82 29.20 25.91
C ALA B 93 2.35 28.84 25.93
N THR B 94 1.83 28.46 24.76
CA THR B 94 0.45 28.01 24.63
C THR B 94 0.15 26.83 25.56
N LEU B 95 1.05 25.86 25.61
CA LEU B 95 0.84 24.71 26.50
C LEU B 95 0.77 25.16 27.92
N GLU B 96 1.72 26.01 28.29
CA GLU B 96 1.81 26.50 29.66
C GLU B 96 0.48 27.17 30.04
N HIS B 97 -0.03 28.03 29.17
CA HIS B 97 -1.30 28.69 29.41
C HIS B 97 -2.42 27.67 29.64
N ILE B 98 -2.41 26.59 28.85
CA ILE B 98 -3.46 25.57 28.95
C ILE B 98 -3.36 24.87 30.30
N GLN B 99 -2.14 24.45 30.65
CA GLN B 99 -1.81 23.83 31.94
C GLN B 99 -2.24 24.67 33.15
N GLN B 100 -1.96 25.97 33.12
CA GLN B 100 -2.32 26.88 34.23
C GLN B 100 -3.81 26.87 34.46
N HIS B 101 -4.55 27.12 33.38
CA HIS B 101 -5.98 27.43 33.44
C HIS B 101 -6.89 26.20 33.44
N LEU B 102 -6.56 25.18 32.62
CA LEU B 102 -7.47 24.05 32.43
C LEU B 102 -6.93 22.68 32.84
N GLY B 103 -5.63 22.45 32.68
CA GLY B 103 -5.05 21.10 32.81
C GLY B 103 -4.50 20.57 31.49
N GLN B 104 -3.80 19.43 31.54
CA GLN B 104 -3.11 18.91 30.34
C GLN B 104 -4.08 18.47 29.25
N PRO B 105 -3.82 18.89 28.02
CA PRO B 105 -4.60 18.31 26.93
C PRO B 105 -4.17 16.90 26.62
N LEU B 106 -5.08 15.93 26.73
CA LEU B 106 -4.79 14.53 26.43
C LEU B 106 -5.34 14.06 25.10
N ILE B 107 -6.10 14.92 24.45
CA ILE B 107 -6.54 14.70 23.07
C ILE B 107 -6.03 15.85 22.25
N VAL B 108 -5.26 15.57 21.20
CA VAL B 108 -4.69 16.63 20.41
C VAL B 108 -4.95 16.31 18.96
N VAL B 109 -5.66 17.20 18.28
CA VAL B 109 -5.93 17.06 16.84
C VAL B 109 -5.13 18.11 16.05
N ASN B 110 -4.17 17.67 15.23
CA ASN B 110 -3.35 18.58 14.42
C ASN B 110 -4.03 18.79 13.11
N ASN B 111 -4.56 19.97 12.91
CA ASN B 111 -5.33 20.25 11.71
C ASN B 111 -4.57 21.22 10.84
N ALA B 112 -4.16 22.32 11.48
CA ALA B 112 -3.33 23.39 10.94
C ALA B 112 -2.08 22.89 10.22
N GLY B 113 -2.14 22.87 8.89
CA GLY B 113 -0.99 22.66 8.00
C GLY B 113 -0.89 23.84 7.02
N ILE B 114 0.08 23.81 6.09
CA ILE B 114 0.20 24.83 5.02
C ILE B 114 -0.14 24.32 3.62
N GLU B 127 8.73 22.38 -4.90
CA GLU B 127 8.16 22.98 -3.70
C GLU B 127 7.33 22.04 -2.77
N TRP B 128 6.80 20.95 -3.32
CA TRP B 128 6.26 19.83 -2.52
C TRP B 128 7.21 19.44 -1.39
N PHE B 129 8.51 19.43 -1.65
CA PHE B 129 9.45 19.01 -0.62
C PHE B 129 9.41 19.93 0.59
N ASP B 130 9.44 21.23 0.36
CA ASP B 130 9.48 22.19 1.47
C ASP B 130 8.15 22.18 2.26
N VAL B 131 7.04 22.02 1.57
CA VAL B 131 5.72 21.98 2.20
C VAL B 131 5.62 20.80 3.16
N VAL B 132 5.85 19.60 2.63
CA VAL B 132 5.74 18.37 3.43
C VAL B 132 6.67 18.43 4.62
N ASN B 133 7.91 18.82 4.37
CA ASN B 133 8.92 18.94 5.44
C ASN B 133 8.49 19.87 6.58
N THR B 134 7.90 21.00 6.21
CA THR B 134 7.38 21.95 7.17
C THR B 134 6.22 21.40 7.98
N ASN B 135 5.27 20.74 7.32
CA ASN B 135 4.18 20.09 8.03
C ASN B 135 4.67 19.12 9.07
N LEU B 136 5.62 18.27 8.68
CA LEU B 136 6.02 17.19 9.58
C LEU B 136 6.80 17.75 10.75
N ASN B 137 7.61 18.77 10.53
CA ASN B 137 8.25 19.44 11.64
C ASN B 137 7.26 20.05 12.62
N SER B 138 6.18 20.62 12.10
CA SER B 138 5.15 21.17 12.97
C SER B 138 4.48 20.07 13.79
N LEU B 139 4.01 19.00 13.12
CA LEU B 139 3.42 17.87 13.83
C LEU B 139 4.38 17.39 14.89
N TYR B 140 5.64 17.18 14.52
CA TYR B 140 6.62 16.63 15.44
C TYR B 140 6.84 17.54 16.67
N ARG B 141 6.96 18.84 16.42
CA ARG B 141 7.11 19.85 17.47
C ARG B 141 5.94 19.77 18.46
N LEU B 142 4.73 19.91 17.94
CA LEU B 142 3.55 19.93 18.76
C LEU B 142 3.34 18.59 19.48
N SER B 143 3.55 17.50 18.76
CA SER B 143 3.36 16.15 19.34
C SER B 143 4.34 15.93 20.50
N LYS B 144 5.62 16.20 20.28
CA LYS B 144 6.63 16.04 21.33
C LYS B 144 6.33 16.87 22.58
N ALA B 145 5.76 18.05 22.38
CA ALA B 145 5.40 18.93 23.50
C ALA B 145 4.26 18.37 24.33
N VAL B 146 3.22 17.90 23.66
CA VAL B 146 2.02 17.39 24.35
C VAL B 146 2.22 16.03 24.95
N LEU B 147 3.28 15.35 24.52
CA LEU B 147 3.53 13.98 24.98
C LEU B 147 3.87 13.89 26.45
N ARG B 148 4.43 14.94 27.04
CA ARG B 148 4.82 14.84 28.45
C ARG B 148 3.61 14.66 29.31
N GLY B 149 2.59 15.45 29.04
CA GLY B 149 1.33 15.34 29.78
C GLY B 149 0.60 14.03 29.54
N MET B 150 0.71 13.51 28.32
CA MET B 150 0.11 12.22 28.03
C MET B 150 0.87 11.09 28.71
N THR B 151 2.19 11.16 28.67
CA THR B 151 3.05 10.20 29.37
C THR B 151 2.76 10.15 30.88
N LYS B 152 2.62 11.31 31.52
CA LYS B 152 2.22 11.37 32.91
C LYS B 152 0.90 10.67 33.14
N ALA B 153 -0.07 11.00 32.31
CA ALA B 153 -1.43 10.45 32.48
C ALA B 153 -1.56 9.00 32.12
N ARG B 154 -0.58 8.46 31.39
CA ARG B 154 -0.62 7.13 30.79
C ARG B 154 -1.85 6.93 29.89
N TRP B 155 -2.17 7.97 29.14
CA TRP B 155 -3.30 7.92 28.24
C TRP B 155 -3.18 9.06 27.27
N GLY B 156 -3.49 8.81 26.01
CA GLY B 156 -3.43 9.89 25.03
C GLY B 156 -4.07 9.57 23.72
N ARG B 157 -4.42 10.62 23.00
CA ARG B 157 -4.91 10.53 21.65
C ARG B 157 -4.32 11.70 20.86
N ILE B 158 -3.49 11.37 19.89
CA ILE B 158 -3.03 12.35 18.90
C ILE B 158 -3.63 11.94 17.56
N ILE B 159 -4.25 12.89 16.88
CA ILE B 159 -4.91 12.63 15.61
C ILE B 159 -4.50 13.72 14.62
N ASN B 160 -3.94 13.31 13.48
CA ASN B 160 -3.47 14.21 12.44
C ASN B 160 -4.39 14.31 11.24
N ILE B 161 -4.82 15.52 10.89
CA ILE B 161 -5.72 15.68 9.76
C ILE B 161 -4.92 15.97 8.51
N GLY B 162 -5.05 15.14 7.49
CA GLY B 162 -4.36 15.38 6.20
C GLY B 162 -5.04 16.48 5.37
N SER B 163 -4.43 16.81 4.23
CA SER B 163 -4.92 17.88 3.38
C SER B 163 -6.12 17.48 2.58
N VAL B 164 -6.97 18.45 2.28
CA VAL B 164 -8.14 18.23 1.44
C VAL B 164 -7.73 18.21 -0.03
N VAL B 165 -8.50 17.50 -0.85
CA VAL B 165 -8.27 17.44 -2.30
C VAL B 165 -8.67 18.76 -2.97
N ALA B 171 0.82 19.35 -10.66
CA ALA B 171 1.41 19.96 -9.44
C ALA B 171 0.63 19.71 -8.13
N GLY B 172 -0.69 19.90 -8.18
CA GLY B 172 -1.55 19.65 -7.03
C GLY B 172 -1.56 18.20 -6.61
N GLN B 173 -1.71 17.29 -7.56
CA GLN B 173 -1.72 15.86 -7.27
C GLN B 173 -0.38 15.38 -6.69
N THR B 174 0.72 15.98 -7.14
CA THR B 174 2.06 15.69 -6.62
C THR B 174 2.19 16.08 -5.16
N ASN B 175 1.81 17.32 -4.88
CA ASN B 175 1.80 17.88 -3.52
C ASN B 175 0.92 17.07 -2.57
N TYR B 176 -0.28 16.74 -3.05
CA TYR B 176 -1.25 16.00 -2.24
C TYR B 176 -0.76 14.58 -1.90
N ALA B 177 -0.16 13.89 -2.87
CA ALA B 177 0.32 12.52 -2.65
C ALA B 177 1.54 12.51 -1.76
N ALA B 178 2.43 13.49 -1.95
CA ALA B 178 3.64 13.59 -1.14
C ALA B 178 3.27 13.80 0.32
N ALA B 179 2.38 14.76 0.55
CA ALA B 179 1.91 15.06 1.90
C ALA B 179 1.27 13.84 2.54
N LYS B 180 0.41 13.16 1.79
CA LYS B 180 -0.29 12.01 2.31
C LYS B 180 0.70 10.88 2.65
N ALA B 181 1.70 10.64 1.80
CA ALA B 181 2.68 9.58 2.10
C ALA B 181 3.53 9.89 3.34
N GLY B 182 3.94 11.15 3.45
CA GLY B 182 4.71 11.59 4.61
C GLY B 182 3.90 11.51 5.89
N LEU B 183 2.66 11.94 5.81
CA LEU B 183 1.76 11.83 6.95
C LEU B 183 1.58 10.38 7.40
N GLU B 184 1.31 9.48 6.46
CA GLU B 184 1.05 8.09 6.81
C GLU B 184 2.21 7.51 7.59
N GLY B 185 3.42 7.68 7.05
CA GLY B 185 4.60 7.03 7.63
C GLY B 185 4.97 7.67 8.94
N PHE B 186 4.81 8.99 9.00
CA PHE B 186 4.97 9.72 10.23
C PHE B 186 4.03 9.19 11.28
N THR B 187 2.77 9.02 10.93
CA THR B 187 1.75 8.63 11.88
C THR B 187 2.03 7.21 12.41
N ARG B 188 2.43 6.35 11.50
CA ARG B 188 2.72 4.97 11.84
C ARG B 188 3.95 4.86 12.74
N ALA B 189 4.96 5.67 12.47
CA ALA B 189 6.17 5.67 13.28
C ALA B 189 5.94 6.23 14.69
N LEU B 190 5.32 7.39 14.79
CA LEU B 190 5.09 7.99 16.09
C LEU B 190 4.25 7.06 16.94
N ALA B 191 3.26 6.42 16.33
CA ALA B 191 2.45 5.41 17.03
C ALA B 191 3.27 4.33 17.69
N ARG B 192 4.32 3.88 17.02
CA ARG B 192 5.25 2.88 17.59
C ARG B 192 6.07 3.43 18.75
N GLU B 193 6.57 4.66 18.60
CA GLU B 193 7.39 5.27 19.63
C GLU B 193 6.59 5.40 20.95
N VAL B 194 5.30 5.79 20.88
CA VAL B 194 4.53 6.12 22.09
C VAL B 194 3.52 5.06 22.53
N GLY B 195 3.46 3.95 21.82
CA GLY B 195 2.38 2.98 22.03
C GLY B 195 2.33 2.37 23.41
N SER B 196 3.50 2.04 23.96
CA SER B 196 3.56 1.41 25.26
C SER B 196 2.94 2.28 26.35
N ARG B 197 2.77 3.56 26.08
CA ARG B 197 2.22 4.48 27.08
C ARG B 197 0.71 4.65 26.99
N ALA B 198 0.06 3.76 26.23
CA ALA B 198 -1.39 3.82 26.00
C ALA B 198 -1.78 5.16 25.36
N ILE B 199 -0.93 5.63 24.48
CA ILE B 199 -1.22 6.78 23.68
C ILE B 199 -1.36 6.26 22.24
N THR B 200 -2.46 6.60 21.58
CA THR B 200 -2.63 6.21 20.20
C THR B 200 -2.37 7.38 19.27
N VAL B 201 -1.91 7.07 18.07
CA VAL B 201 -1.59 8.09 17.06
C VAL B 201 -2.16 7.66 15.74
N ASN B 202 -3.11 8.43 15.25
CA ASN B 202 -3.81 8.06 14.03
C ASN B 202 -3.95 9.27 13.16
N ALA B 203 -4.40 9.05 11.93
CA ALA B 203 -4.51 10.15 11.01
C ALA B 203 -5.79 10.00 10.26
N VAL B 204 -6.30 11.11 9.74
CA VAL B 204 -7.50 11.08 8.91
C VAL B 204 -7.19 11.72 7.59
N ALA B 205 -7.45 11.00 6.52
CA ALA B 205 -7.12 11.48 5.17
C ALA B 205 -8.38 11.89 4.43
N PRO B 206 -8.70 13.17 4.46
CA PRO B 206 -9.94 13.59 3.79
C PRO B 206 -9.84 13.53 2.29
N GLY B 207 -10.99 13.37 1.66
CA GLY B 207 -11.11 13.47 0.19
C GLY B 207 -11.59 14.87 -0.13
N PHE B 208 -12.66 14.95 -0.93
CA PHE B 208 -13.18 16.20 -1.41
C PHE B 208 -14.24 16.63 -0.46
N ILE B 209 -13.91 17.63 0.37
CA ILE B 209 -14.79 18.08 1.45
C ILE B 209 -15.28 19.50 1.18
N ASP B 210 -16.54 19.74 1.46
CA ASP B 210 -17.16 21.05 1.28
C ASP B 210 -16.54 22.06 2.27
N THR B 211 -15.59 22.90 1.82
CA THR B 211 -14.92 23.96 2.63
C THR B 211 -14.65 25.24 1.82
N ASP B 212 -14.13 26.27 2.48
CA ASP B 212 -13.77 27.55 1.83
C ASP B 212 -12.91 27.46 0.57
N MET B 213 -11.87 26.64 0.64
CA MET B 213 -11.01 26.41 -0.52
C MET B 213 -11.77 25.77 -1.68
N THR B 214 -12.63 24.80 -1.36
CA THR B 214 -13.32 24.03 -2.38
C THR B 214 -14.60 24.69 -2.94
N ARG B 215 -15.19 25.61 -2.17
CA ARG B 215 -16.34 26.35 -2.60
C ARG B 215 -16.00 27.25 -3.79
N GLU B 216 -14.78 27.75 -3.80
CA GLU B 216 -14.32 28.68 -4.84
C GLU B 216 -13.88 27.96 -6.11
N LEU B 217 -13.82 26.62 -6.11
CA LEU B 217 -13.31 25.89 -7.29
C LEU B 217 -14.22 26.03 -8.51
N PRO B 218 -13.62 26.15 -9.71
CA PRO B 218 -14.42 26.25 -10.94
C PRO B 218 -15.36 25.06 -11.10
N GLU B 219 -16.49 25.27 -11.75
CA GLU B 219 -17.47 24.23 -11.98
C GLU B 219 -16.91 23.01 -12.72
N ALA B 220 -16.00 23.23 -13.66
CA ALA B 220 -15.44 22.14 -14.45
C ALA B 220 -14.63 21.17 -13.60
N GLN B 221 -13.75 21.72 -12.77
CA GLN B 221 -12.94 20.91 -11.86
C GLN B 221 -13.80 20.16 -10.84
N ARG B 222 -14.91 20.77 -10.43
CA ARG B 222 -15.81 20.16 -9.45
C ARG B 222 -16.50 18.99 -10.02
N GLU B 223 -17.04 19.17 -11.22
CA GLU B 223 -17.82 18.12 -11.85
C GLU B 223 -16.91 16.93 -12.16
N ALA B 224 -15.64 17.18 -12.46
CA ALA B 224 -14.66 16.12 -12.77
C ALA B 224 -14.25 15.37 -11.54
N LEU B 225 -14.16 16.10 -10.42
CA LEU B 225 -13.97 15.52 -9.12
C LEU B 225 -15.13 14.65 -8.68
N LEU B 226 -16.36 15.16 -8.76
CA LEU B 226 -17.57 14.38 -8.41
C LEU B 226 -17.66 13.06 -9.15
N GLY B 227 -17.29 13.08 -10.44
CA GLY B 227 -17.38 11.88 -11.28
C GLY B 227 -16.40 10.79 -10.91
N GLN B 228 -15.37 11.14 -10.14
CA GLN B 228 -14.44 10.18 -9.59
C GLN B 228 -14.80 9.71 -8.16
N ILE B 229 -15.92 10.18 -7.59
CA ILE B 229 -16.33 9.85 -6.24
C ILE B 229 -17.58 8.98 -6.26
N PRO B 230 -17.43 7.70 -5.95
CA PRO B 230 -18.55 6.79 -5.96
C PRO B 230 -19.79 7.35 -5.27
N LEU B 231 -19.66 7.98 -4.10
CA LEU B 231 -20.85 8.50 -3.41
C LEU B 231 -21.52 9.62 -4.18
N GLY B 232 -20.83 10.19 -5.16
CA GLY B 232 -21.38 11.26 -5.98
C GLY B 232 -21.56 12.63 -5.28
N ARG B 233 -20.89 12.86 -4.16
CA ARG B 233 -21.03 14.14 -3.46
C ARG B 233 -19.78 14.51 -2.74
N LEU B 234 -19.73 15.77 -2.33
CA LEU B 234 -18.70 16.24 -1.42
C LEU B 234 -18.97 15.69 -0.05
N GLY B 235 -17.90 15.51 0.70
CA GLY B 235 -18.02 15.22 2.13
C GLY B 235 -18.33 16.50 2.90
N GLN B 236 -19.05 16.35 4.01
CA GLN B 236 -19.23 17.44 4.96
C GLN B 236 -18.10 17.47 5.99
N ALA B 237 -17.79 18.67 6.48
CA ALA B 237 -16.79 18.85 7.52
C ALA B 237 -17.15 18.04 8.76
N GLU B 238 -18.44 18.03 9.12
CA GLU B 238 -18.95 17.18 10.20
CA GLU B 238 -18.92 17.19 10.21
C GLU B 238 -18.54 15.71 10.02
N GLU B 239 -18.53 15.24 8.77
CA GLU B 239 -18.23 13.83 8.49
C GLU B 239 -16.76 13.46 8.76
N ILE B 240 -15.87 14.42 8.66
CA ILE B 240 -14.50 14.24 9.13
C ILE B 240 -14.47 14.27 10.64
N ALA B 241 -15.21 15.22 11.21
CA ALA B 241 -15.26 15.37 12.68
C ALA B 241 -15.75 14.12 13.39
N LYS B 242 -16.73 13.44 12.82
CA LYS B 242 -17.26 12.24 13.44
C LYS B 242 -16.20 11.14 13.52
N VAL B 243 -15.38 11.01 12.47
CA VAL B 243 -14.28 10.03 12.48
C VAL B 243 -13.29 10.40 13.58
N VAL B 244 -12.93 11.67 13.66
CA VAL B 244 -12.04 12.14 14.70
C VAL B 244 -12.62 11.86 16.09
N GLY B 245 -13.92 12.10 16.28
CA GLY B 245 -14.53 11.88 17.56
C GLY B 245 -14.42 10.44 17.94
N PHE B 246 -14.69 9.55 16.99
CA PHE B 246 -14.60 8.12 17.30
C PHE B 246 -13.18 7.72 17.69
N LEU B 247 -12.18 8.18 16.91
CA LEU B 247 -10.78 7.84 17.18
C LEU B 247 -10.37 8.32 18.54
N ALA B 248 -10.95 9.45 18.97
CA ALA B 248 -10.66 10.02 20.28
C ALA B 248 -11.28 9.25 21.44
N SER B 249 -12.27 8.41 21.16
CA SER B 249 -13.00 7.67 22.20
C SER B 249 -12.22 6.45 22.74
N ASP B 250 -12.72 5.88 23.82
CA ASP B 250 -12.12 4.70 24.42
C ASP B 250 -12.28 3.48 23.53
N GLY B 251 -13.35 3.42 22.76
CA GLY B 251 -13.58 2.29 21.87
C GLY B 251 -12.57 2.19 20.74
N ALA B 252 -11.85 3.26 20.47
CA ALA B 252 -10.79 3.24 19.45
C ALA B 252 -9.42 3.00 20.04
N ALA B 253 -9.37 2.42 21.23
CA ALA B 253 -8.09 2.31 21.97
C ALA B 253 -7.12 1.32 21.33
N TYR B 254 -7.63 0.37 20.57
CA TYR B 254 -6.71 -0.58 19.90
C TYR B 254 -6.40 -0.15 18.47
N VAL B 255 -6.91 1.01 18.03
CA VAL B 255 -6.56 1.55 16.72
C VAL B 255 -5.42 2.51 16.91
N THR B 256 -4.25 2.20 16.35
CA THR B 256 -3.10 3.12 16.37
C THR B 256 -2.18 2.90 15.16
N GLY B 257 -1.60 4.01 14.69
CA GLY B 257 -0.75 3.98 13.51
C GLY B 257 -1.52 3.93 12.20
N ALA B 258 -2.84 4.07 12.29
CA ALA B 258 -3.71 4.00 11.15
C ALA B 258 -3.94 5.36 10.49
N THR B 259 -4.12 5.34 9.18
CA THR B 259 -4.66 6.46 8.46
C THR B 259 -6.01 6.00 7.91
N VAL B 260 -7.10 6.62 8.41
CA VAL B 260 -8.46 6.33 7.98
C VAL B 260 -8.87 7.27 6.83
N PRO B 261 -9.14 6.72 5.66
CA PRO B 261 -9.50 7.64 4.57
C PRO B 261 -10.98 7.92 4.65
N VAL B 262 -11.34 9.18 4.46
CA VAL B 262 -12.68 9.63 4.53
C VAL B 262 -12.95 10.40 3.26
N ASN B 263 -13.25 9.65 2.20
CA ASN B 263 -13.22 10.22 0.88
C ASN B 263 -14.30 9.76 -0.07
N GLY B 264 -15.38 9.20 0.44
CA GLY B 264 -16.49 8.78 -0.39
C GLY B 264 -16.15 7.73 -1.42
N GLY B 265 -14.99 7.08 -1.28
CA GLY B 265 -14.59 6.00 -2.18
C GLY B 265 -13.63 6.39 -3.28
N MET B 266 -13.21 7.65 -3.32
CA MET B 266 -12.22 8.15 -4.30
C MET B 266 -10.84 8.00 -3.74
N TYR B 267 -10.06 7.06 -4.29
CA TYR B 267 -8.67 6.84 -3.80
C TYR B 267 -7.63 7.17 -4.88
N MET B 268 -6.59 7.89 -4.48
CA MET B 268 -5.51 8.21 -5.38
C MET B 268 -4.23 7.51 -4.92
N SER B 269 -3.42 7.08 -5.89
CA SER B 269 -2.02 6.70 -5.66
C SER B 269 -1.10 7.90 -6.03
N ASN C 17 -45.50 0.73 27.48
CA ASN C 17 -45.78 1.57 26.27
C ASN C 17 -44.49 2.01 25.58
N LEU C 18 -44.44 1.79 24.26
CA LEU C 18 -43.17 1.54 23.57
C LEU C 18 -42.01 2.53 23.82
N TYR C 19 -40.89 1.90 24.16
CA TYR C 19 -39.68 2.46 24.71
C TYR C 19 -38.76 2.79 23.54
N PHE C 20 -38.43 4.07 23.34
CA PHE C 20 -37.60 4.48 22.20
C PHE C 20 -36.17 4.79 22.60
N GLN C 21 -35.25 3.92 22.25
CA GLN C 21 -33.83 4.14 22.56
C GLN C 21 -33.30 5.37 21.80
N SER C 22 -32.26 5.98 22.36
CA SER C 22 -31.65 7.23 21.90
C SER C 22 -30.25 6.93 21.38
N MET C 23 -30.08 5.71 20.88
CA MET C 23 -28.77 5.21 20.54
C MET C 23 -28.59 5.37 19.02
N SER C 24 -27.36 5.32 18.54
CA SER C 24 -27.14 5.63 17.13
C SER C 24 -27.81 4.74 16.05
N LEU C 25 -28.16 3.48 16.31
CA LEU C 25 -28.73 2.56 15.29
C LEU C 25 -30.17 2.10 15.54
N GLN C 26 -30.85 2.85 16.42
CA GLN C 26 -32.26 2.67 16.70
C GLN C 26 -33.03 2.63 15.39
N GLY C 27 -33.93 1.67 15.26
CA GLY C 27 -34.76 1.55 14.05
C GLY C 27 -34.06 0.94 12.84
N LYS C 28 -32.85 0.39 13.03
CA LYS C 28 -32.17 -0.39 11.98
C LYS C 28 -32.10 -1.88 12.28
N VAL C 29 -32.13 -2.69 11.21
CA VAL C 29 -31.96 -4.09 11.34
C VAL C 29 -30.57 -4.47 10.84
N ALA C 30 -29.86 -5.25 11.66
CA ALA C 30 -28.50 -5.64 11.34
C ALA C 30 -28.34 -7.14 11.25
N LEU C 31 -27.63 -7.58 10.24
CA LEU C 31 -27.31 -8.96 10.08
C LEU C 31 -25.82 -9.11 10.32
N VAL C 32 -25.48 -9.96 11.28
CA VAL C 32 -24.11 -10.26 11.58
C VAL C 32 -23.94 -11.75 11.43
N THR C 33 -23.10 -12.18 10.52
CA THR C 33 -22.84 -13.63 10.32
C THR C 33 -21.77 -14.10 11.27
N GLY C 34 -21.80 -15.40 11.59
CA GLY C 34 -20.80 -16.02 12.46
C GLY C 34 -20.79 -15.30 13.78
N ALA C 35 -21.93 -15.27 14.45
CA ALA C 35 -22.13 -14.44 15.64
C ALA C 35 -22.17 -15.24 16.93
N SER C 36 -21.77 -16.50 16.89
CA SER C 36 -21.97 -17.39 18.03
C SER C 36 -20.89 -17.25 19.09
N ARG C 37 -19.72 -16.75 18.71
CA ARG C 37 -18.61 -16.55 19.66
C ARG C 37 -17.66 -15.45 19.18
N GLY C 38 -16.67 -15.15 20.01
CA GLY C 38 -15.61 -14.21 19.68
C GLY C 38 -16.05 -12.84 19.13
N ILE C 39 -15.36 -12.42 18.06
CA ILE C 39 -15.56 -11.14 17.44
C ILE C 39 -17.00 -10.96 16.91
N GLY C 40 -17.54 -12.00 16.27
CA GLY C 40 -18.93 -11.97 15.82
C GLY C 40 -19.95 -11.70 16.92
N GLN C 41 -19.85 -12.45 18.01
CA GLN C 41 -20.75 -12.26 19.14
C GLN C 41 -20.65 -10.84 19.67
N ALA C 42 -19.42 -10.33 19.74
CA ALA C 42 -19.18 -9.03 20.31
C ALA C 42 -19.77 -7.94 19.42
N ILE C 43 -19.60 -8.12 18.12
CA ILE C 43 -20.20 -7.22 17.14
C ILE C 43 -21.74 -7.19 17.26
N ALA C 44 -22.36 -8.35 17.36
CA ALA C 44 -23.81 -8.42 17.54
C ALA C 44 -24.26 -7.72 18.82
N LEU C 45 -23.53 -7.93 19.91
CA LEU C 45 -23.87 -7.22 21.15
C LEU C 45 -23.70 -5.71 21.05
N GLU C 46 -22.70 -5.25 20.31
CA GLU C 46 -22.45 -3.81 20.20
C GLU C 46 -23.52 -3.12 19.39
N LEU C 47 -23.91 -3.74 18.28
CA LEU C 47 -24.96 -3.21 17.44
C LEU C 47 -26.26 -3.22 18.22
N GLY C 48 -26.51 -4.29 18.96
CA GLY C 48 -27.67 -4.34 19.86
C GLY C 48 -27.67 -3.25 20.91
N ARG C 49 -26.52 -3.06 21.53
CA ARG C 49 -26.32 -2.01 22.52
C ARG C 49 -26.55 -0.63 21.91
N LEU C 50 -26.17 -0.45 20.65
CA LEU C 50 -26.40 0.80 19.93
C LEU C 50 -27.84 0.95 19.41
N GLY C 51 -28.72 0.00 19.73
CA GLY C 51 -30.14 0.12 19.46
C GLY C 51 -30.69 -0.65 18.27
N ALA C 52 -29.82 -1.35 17.55
CA ALA C 52 -30.23 -2.10 16.38
C ALA C 52 -31.02 -3.30 16.83
N VAL C 53 -31.95 -3.74 15.99
CA VAL C 53 -32.51 -5.07 16.06
C VAL C 53 -31.49 -5.99 15.35
N VAL C 54 -31.04 -7.05 16.01
CA VAL C 54 -29.87 -7.82 15.55
C VAL C 54 -30.18 -9.28 15.20
N ILE C 55 -29.81 -9.69 14.00
CA ILE C 55 -29.90 -11.08 13.60
C ILE C 55 -28.50 -11.62 13.44
N GLY C 56 -28.12 -12.47 14.38
CA GLY C 56 -26.84 -13.15 14.34
C GLY C 56 -27.00 -14.50 13.69
N THR C 57 -25.99 -14.97 12.95
CA THR C 57 -26.07 -16.29 12.30
C THR C 57 -24.95 -17.24 12.69
N ALA C 58 -25.26 -18.52 12.54
CA ALA C 58 -24.34 -19.60 12.76
C ALA C 58 -24.70 -20.68 11.74
N THR C 59 -23.85 -21.69 11.62
CA THR C 59 -24.03 -22.74 10.63
C THR C 59 -24.86 -23.91 11.18
N SER C 60 -24.96 -24.02 12.50
CA SER C 60 -25.71 -25.09 13.14
C SER C 60 -26.87 -24.54 13.94
N ALA C 61 -27.90 -25.38 14.09
CA ALA C 61 -29.05 -25.05 14.94
C ALA C 61 -28.61 -24.71 16.36
N SER C 62 -27.62 -25.44 16.87
CA SER C 62 -27.13 -25.22 18.23
C SER C 62 -26.49 -23.85 18.37
N GLY C 63 -25.68 -23.44 17.37
CA GLY C 63 -25.06 -22.11 17.37
C GLY C 63 -26.07 -20.97 17.26
N ALA C 64 -27.11 -21.19 16.47
CA ALA C 64 -28.16 -20.20 16.31
C ALA C 64 -29.00 -20.03 17.56
N GLU C 65 -29.09 -21.09 18.33
CA GLU C 65 -29.89 -21.07 19.56
C GLU C 65 -29.09 -20.37 20.65
N LYS C 66 -27.77 -20.62 20.64
CA LYS C 66 -26.86 -19.91 21.53
C LYS C 66 -26.94 -18.41 21.30
N ILE C 67 -26.94 -18.01 20.04
CA ILE C 67 -27.05 -16.59 19.67
C ILE C 67 -28.36 -15.99 20.21
N ALA C 68 -29.47 -16.65 19.96
CA ALA C 68 -30.77 -16.15 20.47
C ALA C 68 -30.73 -15.99 21.99
N GLU C 69 -30.14 -16.94 22.70
CA GLU C 69 -30.04 -16.86 24.16
C GLU C 69 -29.18 -15.69 24.61
N THR C 70 -28.02 -15.54 23.97
CA THR C 70 -27.10 -14.45 24.29
C THR C 70 -27.77 -13.10 24.08
N LEU C 71 -28.51 -12.97 22.99
CA LEU C 71 -29.17 -11.71 22.68
C LEU C 71 -30.21 -11.43 23.74
N LYS C 72 -30.96 -12.45 24.12
CA LYS C 72 -32.00 -12.29 25.12
C LYS C 72 -31.42 -11.85 26.47
N ALA C 73 -30.37 -12.53 26.91
CA ALA C 73 -29.66 -12.19 28.12
C ALA C 73 -29.08 -10.77 28.14
N ASN C 74 -28.95 -10.11 26.99
CA ASN C 74 -28.37 -8.76 26.95
C ASN C 74 -29.37 -7.69 26.56
N GLY C 75 -30.66 -8.03 26.55
CA GLY C 75 -31.70 -7.08 26.26
C GLY C 75 -31.80 -6.68 24.79
N VAL C 76 -31.13 -7.44 23.93
CA VAL C 76 -31.11 -7.13 22.49
C VAL C 76 -32.26 -7.81 21.78
N GLU C 77 -33.09 -7.02 21.14
CA GLU C 77 -34.16 -7.56 20.33
C GLU C 77 -33.57 -8.10 19.04
N GLY C 78 -34.07 -9.25 18.60
CA GLY C 78 -33.62 -9.85 17.35
C GLY C 78 -33.81 -11.36 17.30
N ALA C 79 -32.81 -12.06 16.77
CA ALA C 79 -32.91 -13.51 16.60
C ALA C 79 -31.57 -14.14 16.29
N GLY C 80 -31.53 -15.46 16.39
CA GLY C 80 -30.41 -16.27 15.92
C GLY C 80 -30.91 -17.22 14.86
N LEU C 81 -30.21 -17.31 13.73
CA LEU C 81 -30.64 -18.11 12.61
C LEU C 81 -29.53 -18.99 12.10
N VAL C 82 -29.91 -19.97 11.28
CA VAL C 82 -28.94 -20.78 10.58
C VAL C 82 -28.73 -20.16 9.22
N LEU C 83 -27.46 -19.95 8.85
CA LEU C 83 -27.08 -19.49 7.52
C LEU C 83 -25.81 -20.17 7.04
N ASP C 84 -25.84 -20.68 5.81
CA ASP C 84 -24.65 -21.20 5.13
C ASP C 84 -24.33 -20.24 3.98
N VAL C 85 -23.30 -19.41 4.18
CA VAL C 85 -22.98 -18.34 3.22
C VAL C 85 -22.40 -18.90 1.92
N SER C 86 -22.07 -20.19 1.92
CA SER C 86 -21.59 -20.82 0.69
C SER C 86 -22.73 -21.23 -0.23
N SER C 87 -23.98 -21.07 0.19
CA SER C 87 -25.18 -21.60 -0.53
C SER C 87 -26.20 -20.54 -0.94
N ASP C 88 -26.42 -20.38 -2.24
CA ASP C 88 -27.37 -19.37 -2.71
C ASP C 88 -28.76 -19.55 -2.10
N GLU C 89 -29.19 -20.81 -2.01
CA GLU C 89 -30.52 -21.10 -1.47
C GLU C 89 -30.67 -20.64 -0.02
N SER C 90 -29.76 -21.08 0.85
CA SER C 90 -29.76 -20.67 2.26
C SER C 90 -29.76 -19.14 2.44
N VAL C 91 -28.92 -18.45 1.66
CA VAL C 91 -28.87 -17.00 1.71
C VAL C 91 -30.24 -16.39 1.39
N ALA C 92 -30.79 -16.72 0.23
CA ALA C 92 -32.09 -16.18 -0.17
C ALA C 92 -33.17 -16.46 0.88
N ALA C 93 -33.19 -17.67 1.38
CA ALA C 93 -34.25 -18.11 2.31
C ALA C 93 -34.14 -17.36 3.63
N THR C 94 -32.91 -17.29 4.16
CA THR C 94 -32.62 -16.56 5.37
C THR C 94 -33.01 -15.07 5.24
N LEU C 95 -32.68 -14.44 4.12
CA LEU C 95 -33.10 -13.04 3.92
C LEU C 95 -34.60 -12.88 3.90
N GLU C 96 -35.29 -13.75 3.16
CA GLU C 96 -36.73 -13.70 3.09
C GLU C 96 -37.28 -13.79 4.51
N HIS C 97 -36.79 -14.74 5.29
CA HIS C 97 -37.30 -14.89 6.64
C HIS C 97 -37.12 -13.64 7.45
N ILE C 98 -35.99 -12.97 7.27
CA ILE C 98 -35.70 -11.76 8.00
C ILE C 98 -36.67 -10.63 7.62
N GLN C 99 -36.85 -10.42 6.30
CA GLN C 99 -37.87 -9.51 5.75
C GLN C 99 -39.29 -9.73 6.30
N GLN C 100 -39.74 -10.98 6.33
CA GLN C 100 -41.09 -11.30 6.79
C GLN C 100 -41.29 -10.88 8.24
N HIS C 101 -40.37 -11.30 9.09
CA HIS C 101 -40.50 -11.21 10.54
C HIS C 101 -40.01 -9.89 11.15
N LEU C 102 -38.88 -9.37 10.66
CA LEU C 102 -38.29 -8.19 11.27
C LEU C 102 -38.04 -6.97 10.40
N GLY C 103 -38.01 -7.12 9.07
CA GLY C 103 -37.71 -5.98 8.18
C GLY C 103 -36.36 -6.13 7.53
N GLN C 104 -36.11 -5.32 6.51
CA GLN C 104 -34.89 -5.45 5.70
C GLN C 104 -33.61 -5.14 6.48
N PRO C 105 -32.59 -6.03 6.42
CA PRO C 105 -31.36 -5.66 7.08
C PRO C 105 -30.59 -4.66 6.23
N LEU C 106 -30.37 -3.47 6.78
CA LEU C 106 -29.62 -2.42 6.07
C LEU C 106 -28.19 -2.27 6.60
N ILE C 107 -27.85 -2.99 7.66
CA ILE C 107 -26.50 -3.11 8.14
C ILE C 107 -26.14 -4.56 8.08
N VAL C 108 -25.07 -4.89 7.35
CA VAL C 108 -24.66 -6.27 7.23
C VAL C 108 -23.17 -6.36 7.56
N VAL C 109 -22.82 -7.15 8.58
CA VAL C 109 -21.44 -7.44 8.93
C VAL C 109 -21.08 -8.89 8.55
N ASN C 110 -20.16 -9.05 7.60
CA ASN C 110 -19.67 -10.37 7.19
C ASN C 110 -18.50 -10.77 8.04
N ASN C 111 -18.70 -11.74 8.90
CA ASN C 111 -17.65 -12.13 9.80
C ASN C 111 -17.15 -13.50 9.40
N ALA C 112 -18.11 -14.41 9.21
CA ALA C 112 -17.96 -15.85 8.87
C ALA C 112 -17.05 -16.31 7.70
N GLY C 113 -15.74 -16.03 7.82
CA GLY C 113 -14.70 -16.64 6.96
C GLY C 113 -14.17 -17.99 7.46
N ILE C 114 -13.66 -18.78 6.53
CA ILE C 114 -13.09 -20.10 6.81
C ILE C 114 -11.59 -19.96 7.03
N THR C 115 -10.92 -21.10 7.21
CA THR C 115 -9.44 -21.21 7.28
C THR C 115 -9.00 -22.62 6.79
N ARG C 116 -7.72 -22.95 7.00
CA ARG C 116 -7.12 -24.29 6.73
CA ARG C 116 -7.11 -24.30 6.72
C ARG C 116 -6.50 -24.33 5.33
N ASP C 126 -0.24 -24.28 -0.89
CA ASP C 126 -1.29 -24.24 -1.91
C ASP C 126 -2.72 -23.96 -1.37
N GLU C 127 -2.86 -23.89 -0.05
CA GLU C 127 -4.17 -23.74 0.58
C GLU C 127 -4.69 -22.29 0.52
N TRP C 128 -3.79 -21.31 0.61
CA TRP C 128 -4.16 -19.89 0.59
C TRP C 128 -5.09 -19.51 -0.56
N PHE C 129 -4.83 -20.02 -1.76
CA PHE C 129 -5.62 -19.61 -2.88
C PHE C 129 -7.08 -20.03 -2.68
N ASP C 130 -7.30 -21.28 -2.29
CA ASP C 130 -8.67 -21.80 -2.18
C ASP C 130 -9.42 -21.11 -1.04
N VAL C 131 -8.72 -20.83 0.06
CA VAL C 131 -9.33 -20.15 1.19
C VAL C 131 -9.85 -18.76 0.78
N VAL C 132 -8.95 -17.93 0.28
CA VAL C 132 -9.28 -16.55 -0.08
C VAL C 132 -10.41 -16.51 -1.11
N ASN C 133 -10.28 -17.33 -2.13
CA ASN C 133 -11.31 -17.44 -3.16
C ASN C 133 -12.69 -17.76 -2.64
N THR C 134 -12.74 -18.68 -1.69
CA THR C 134 -13.98 -19.09 -1.05
C THR C 134 -14.57 -17.96 -0.21
N ASN C 135 -13.74 -17.28 0.57
CA ASN C 135 -14.20 -16.12 1.32
C ASN C 135 -14.83 -15.06 0.45
N LEU C 136 -14.15 -14.73 -0.65
CA LEU C 136 -14.61 -13.63 -1.47
C LEU C 136 -15.89 -14.02 -2.21
N ASN C 137 -16.03 -15.26 -2.64
CA ASN C 137 -17.35 -15.69 -3.16
C ASN C 137 -18.50 -15.62 -2.15
N SER C 138 -18.23 -15.98 -0.91
CA SER C 138 -19.21 -15.84 0.14
C SER C 138 -19.59 -14.37 0.39
N LEU C 139 -18.59 -13.50 0.58
CA LEU C 139 -18.88 -12.05 0.67
C LEU C 139 -19.71 -11.57 -0.48
N TYR C 140 -19.30 -11.89 -1.70
CA TYR C 140 -19.96 -11.40 -2.87
C TYR C 140 -21.40 -11.89 -2.98
N ARG C 141 -21.61 -13.17 -2.70
CA ARG C 141 -22.96 -13.75 -2.66
C ARG C 141 -23.88 -12.99 -1.69
N LEU C 142 -23.42 -12.88 -0.44
CA LEU C 142 -24.22 -12.28 0.60
C LEU C 142 -24.44 -10.81 0.33
N SER C 143 -23.39 -10.14 -0.12
CA SER C 143 -23.48 -8.69 -0.41
C SER C 143 -24.47 -8.42 -1.55
N LYS C 144 -24.36 -9.15 -2.65
CA LYS C 144 -25.31 -9.01 -3.77
C LYS C 144 -26.76 -9.22 -3.34
N ALA C 145 -27.00 -10.16 -2.44
CA ALA C 145 -28.36 -10.51 -2.00
C ALA C 145 -28.97 -9.39 -1.16
N VAL C 146 -28.19 -8.89 -0.21
CA VAL C 146 -28.68 -7.82 0.66
C VAL C 146 -28.82 -6.47 -0.07
N LEU C 147 -28.16 -6.34 -1.23
CA LEU C 147 -28.10 -5.04 -1.91
C LEU C 147 -29.43 -4.60 -2.46
N ARG C 148 -30.33 -5.53 -2.74
CA ARG C 148 -31.61 -5.14 -3.29
C ARG C 148 -32.39 -4.29 -2.26
N GLY C 149 -32.43 -4.75 -1.02
CA GLY C 149 -33.07 -4.01 0.05
C GLY C 149 -32.41 -2.68 0.35
N MET C 150 -31.08 -2.64 0.25
CA MET C 150 -30.37 -1.41 0.49
C MET C 150 -30.61 -0.41 -0.66
N THR C 151 -30.61 -0.90 -1.89
CA THR C 151 -30.93 -0.09 -3.07
C THR C 151 -32.31 0.53 -2.98
N LYS C 152 -33.32 -0.25 -2.59
CA LYS C 152 -34.65 0.31 -2.34
C LYS C 152 -34.56 1.44 -1.33
N ALA C 153 -33.91 1.18 -0.20
CA ALA C 153 -33.92 2.10 0.93
C ALA C 153 -33.09 3.32 0.68
N ARG C 154 -32.23 3.25 -0.35
CA ARG C 154 -31.21 4.26 -0.65
C ARG C 154 -30.29 4.51 0.56
N TRP C 155 -29.97 3.44 1.27
CA TRP C 155 -29.10 3.54 2.41
C TRP C 155 -28.58 2.15 2.74
N GLY C 156 -27.30 2.06 3.09
CA GLY C 156 -26.75 0.78 3.51
C GLY C 156 -25.38 0.85 4.18
N ARG C 157 -25.06 -0.20 4.92
CA ARG C 157 -23.77 -0.41 5.50
C ARG C 157 -23.39 -1.88 5.40
N ILE C 158 -22.34 -2.15 4.63
CA ILE C 158 -21.77 -3.48 4.56
C ILE C 158 -20.38 -3.37 5.16
N ILE C 159 -20.08 -4.23 6.11
CA ILE C 159 -18.78 -4.20 6.80
C ILE C 159 -18.20 -5.61 6.85
N ASN C 160 -16.99 -5.75 6.34
CA ASN C 160 -16.33 -7.04 6.26
C ASN C 160 -15.22 -7.25 7.29
N ILE C 161 -15.30 -8.33 8.08
CA ILE C 161 -14.29 -8.55 9.08
C ILE C 161 -13.20 -9.44 8.53
N GLY C 162 -11.95 -8.95 8.50
CA GLY C 162 -10.82 -9.76 8.10
C GLY C 162 -10.42 -10.79 9.14
N SER C 163 -9.47 -11.65 8.80
CA SER C 163 -9.07 -12.75 9.66
C SER C 163 -8.11 -12.29 10.75
N VAL C 164 -8.17 -12.97 11.89
CA VAL C 164 -7.29 -12.65 13.01
C VAL C 164 -5.90 -13.21 12.68
N VAL C 165 -4.89 -12.57 13.25
CA VAL C 165 -3.54 -13.07 13.08
C VAL C 165 -3.45 -14.35 13.90
N GLY C 166 -3.37 -15.50 13.22
CA GLY C 166 -3.41 -16.80 13.90
C GLY C 166 -2.19 -17.72 13.76
N ALA C 167 -1.24 -17.36 12.90
CA ALA C 167 -0.12 -18.24 12.60
C ALA C 167 1.13 -17.37 12.38
N MET C 168 2.21 -17.65 13.12
CA MET C 168 3.40 -16.78 13.12
C MET C 168 4.56 -17.33 12.30
N GLY C 169 4.30 -18.36 11.50
CA GLY C 169 5.33 -19.02 10.67
C GLY C 169 5.45 -18.33 9.33
N ASN C 170 5.54 -19.13 8.27
CA ASN C 170 5.51 -18.66 6.88
C ASN C 170 4.19 -18.98 6.14
N ALA C 171 3.70 -20.20 6.31
CA ALA C 171 2.40 -20.59 5.76
C ALA C 171 1.29 -19.70 6.30
N GLY C 172 1.33 -19.42 7.60
CA GLY C 172 0.37 -18.54 8.23
C GLY C 172 0.44 -17.11 7.73
N GLN C 173 1.64 -16.55 7.67
CA GLN C 173 1.82 -15.17 7.19
C GLN C 173 1.41 -15.02 5.72
N THR C 174 1.61 -16.07 4.92
CA THR C 174 1.20 -16.10 3.52
C THR C 174 -0.32 -16.05 3.38
N ASN C 175 -0.98 -16.93 4.12
CA ASN C 175 -2.44 -16.98 4.21
C ASN C 175 -3.03 -15.65 4.69
N TYR C 176 -2.45 -15.10 5.75
CA TYR C 176 -2.93 -13.86 6.36
C TYR C 176 -2.80 -12.65 5.41
N ALA C 177 -1.68 -12.54 4.71
CA ALA C 177 -1.46 -11.43 3.79
C ALA C 177 -2.31 -11.56 2.54
N ALA C 178 -2.47 -12.78 2.07
CA ALA C 178 -3.31 -13.04 0.90
C ALA C 178 -4.76 -12.64 1.18
N ALA C 179 -5.27 -13.12 2.30
CA ALA C 179 -6.63 -12.82 2.72
C ALA C 179 -6.81 -11.35 2.85
N LYS C 180 -5.86 -10.69 3.47
CA LYS C 180 -5.97 -9.27 3.70
C LYS C 180 -5.96 -8.48 2.38
N ALA C 181 -5.08 -8.85 1.45
CA ALA C 181 -5.01 -8.15 0.16
C ALA C 181 -6.28 -8.33 -0.66
N GLY C 182 -6.81 -9.55 -0.68
CA GLY C 182 -8.03 -9.83 -1.37
C GLY C 182 -9.20 -9.07 -0.77
N LEU C 183 -9.31 -9.10 0.55
CA LEU C 183 -10.34 -8.35 1.23
C LEU C 183 -10.27 -6.83 0.96
N GLU C 184 -9.09 -6.26 1.05
CA GLU C 184 -8.92 -4.83 0.82
C GLU C 184 -9.41 -4.39 -0.58
N GLY C 185 -8.96 -5.07 -1.64
CA GLY C 185 -9.34 -4.72 -2.99
C GLY C 185 -10.81 -5.02 -3.26
N PHE C 186 -11.28 -6.15 -2.76
CA PHE C 186 -12.66 -6.48 -2.84
C PHE C 186 -13.48 -5.34 -2.24
N THR C 187 -13.09 -4.89 -1.06
CA THR C 187 -13.89 -3.93 -0.31
C THR C 187 -13.93 -2.62 -1.08
N ARG C 188 -12.77 -2.27 -1.61
CA ARG C 188 -12.63 -1.04 -2.34
C ARG C 188 -13.45 -1.05 -3.65
N ALA C 189 -13.45 -2.19 -4.33
CA ALA C 189 -14.19 -2.34 -5.56
C ALA C 189 -15.72 -2.33 -5.36
N LEU C 190 -16.21 -3.12 -4.40
CA LEU C 190 -17.64 -3.14 -4.15
C LEU C 190 -18.13 -1.74 -3.75
N ALA C 191 -17.35 -1.03 -2.94
CA ALA C 191 -17.67 0.32 -2.54
C ALA C 191 -17.92 1.20 -3.73
N ARG C 192 -17.14 1.03 -4.79
CA ARG C 192 -17.33 1.81 -6.01
C ARG C 192 -18.61 1.43 -6.73
N GLU C 193 -18.89 0.14 -6.81
CA GLU C 193 -20.05 -0.33 -7.52
C GLU C 193 -21.34 0.25 -6.88
N VAL C 194 -21.41 0.29 -5.55
CA VAL C 194 -22.66 0.63 -4.87
C VAL C 194 -22.71 2.02 -4.30
N GLY C 195 -21.66 2.79 -4.45
CA GLY C 195 -21.56 4.08 -3.78
C GLY C 195 -22.65 5.07 -4.13
N SER C 196 -23.03 5.13 -5.41
CA SER C 196 -24.03 6.07 -5.86
C SER C 196 -25.39 5.88 -5.17
N ARG C 197 -25.59 4.75 -4.50
CA ARG C 197 -26.82 4.45 -3.77
C ARG C 197 -26.78 4.77 -2.26
N ALA C 198 -25.78 5.55 -1.84
CA ALA C 198 -25.57 5.85 -0.42
C ALA C 198 -25.44 4.59 0.42
N ILE C 199 -24.77 3.60 -0.14
CA ILE C 199 -24.38 2.41 0.60
C ILE C 199 -22.87 2.45 0.75
N THR C 200 -22.37 2.25 1.97
CA THR C 200 -20.92 2.23 2.17
C THR C 200 -20.45 0.84 2.43
N VAL C 201 -19.20 0.60 2.03
CA VAL C 201 -18.60 -0.73 2.12
C VAL C 201 -17.20 -0.62 2.66
N ASN C 202 -16.97 -1.17 3.85
CA ASN C 202 -15.74 -0.99 4.57
C ASN C 202 -15.34 -2.27 5.17
N ALA C 203 -14.10 -2.34 5.62
CA ALA C 203 -13.60 -3.56 6.18
C ALA C 203 -12.83 -3.27 7.44
N VAL C 204 -12.71 -4.25 8.32
CA VAL C 204 -11.93 -4.11 9.54
C VAL C 204 -10.90 -5.21 9.61
N ALA C 205 -9.64 -4.83 9.76
CA ALA C 205 -8.55 -5.78 9.70
C ALA C 205 -7.98 -6.00 11.10
N PRO C 206 -8.42 -7.05 11.78
CA PRO C 206 -7.93 -7.26 13.14
C PRO C 206 -6.50 -7.71 13.16
N GLY C 207 -5.83 -7.40 14.26
CA GLY C 207 -4.50 -7.87 14.53
C GLY C 207 -4.62 -9.06 15.44
N PHE C 208 -3.91 -9.02 16.57
CA PHE C 208 -3.93 -10.10 17.50
C PHE C 208 -4.94 -9.83 18.55
N ILE C 209 -6.00 -10.61 18.52
CA ILE C 209 -7.12 -10.40 19.38
C ILE C 209 -7.18 -11.53 20.35
N ASP C 210 -7.46 -11.20 21.62
CA ASP C 210 -7.57 -12.13 22.74
C ASP C 210 -8.75 -13.04 22.71
N THR C 211 -8.38 -14.31 22.79
CA THR C 211 -9.32 -15.40 22.88
C THR C 211 -8.81 -16.45 23.88
N ASP C 212 -9.73 -17.30 24.32
CA ASP C 212 -9.40 -18.50 25.10
C ASP C 212 -8.20 -19.31 24.55
N MET C 213 -8.09 -19.46 23.23
CA MET C 213 -6.98 -20.21 22.64
C MET C 213 -5.61 -19.51 22.82
N THR C 214 -5.57 -18.18 22.73
CA THR C 214 -4.30 -17.44 22.90
C THR C 214 -3.94 -17.20 24.38
N ARG C 215 -4.92 -17.23 25.27
CA ARG C 215 -4.61 -17.14 26.72
C ARG C 215 -3.82 -18.35 27.20
N GLU C 216 -4.10 -19.50 26.60
CA GLU C 216 -3.49 -20.77 26.98
C GLU C 216 -2.14 -21.01 26.31
N LEU C 217 -1.68 -20.05 25.50
CA LEU C 217 -0.31 -20.08 24.98
C LEU C 217 0.68 -19.95 26.15
N PRO C 218 1.85 -20.64 26.07
CA PRO C 218 2.85 -20.54 27.13
C PRO C 218 3.28 -19.11 27.36
N GLU C 219 3.64 -18.79 28.60
CA GLU C 219 4.03 -17.43 28.97
C GLU C 219 5.20 -16.88 28.16
N ALA C 220 6.13 -17.75 27.76
CA ALA C 220 7.31 -17.31 26.99
C ALA C 220 6.94 -16.81 25.58
N GLN C 221 6.10 -17.58 24.90
CA GLN C 221 5.62 -17.22 23.56
C GLN C 221 4.78 -15.95 23.57
N ARG C 222 4.07 -15.73 24.68
CA ARG C 222 3.19 -14.56 24.84
C ARG C 222 3.98 -13.28 24.91
N GLU C 223 5.03 -13.27 25.73
CA GLU C 223 5.84 -12.07 25.88
C GLU C 223 6.52 -11.70 24.56
N ALA C 224 6.90 -12.70 23.77
CA ALA C 224 7.57 -12.48 22.49
C ALA C 224 6.62 -11.93 21.44
N LEU C 225 5.37 -12.38 21.50
CA LEU C 225 4.30 -11.83 20.68
C LEU C 225 3.97 -10.38 21.01
N LEU C 226 3.82 -10.09 22.30
CA LEU C 226 3.49 -8.74 22.75
C LEU C 226 4.58 -7.73 22.36
N GLY C 227 5.84 -8.16 22.35
CA GLY C 227 6.94 -7.29 21.92
C GLY C 227 6.85 -6.83 20.46
N GLN C 228 6.01 -7.48 19.66
CA GLN C 228 5.74 -7.03 18.27
C GLN C 228 4.60 -5.99 18.14
N ILE C 229 3.92 -5.74 19.26
CA ILE C 229 2.75 -4.88 19.32
C ILE C 229 3.01 -3.64 20.18
N PRO C 230 3.11 -2.46 19.54
CA PRO C 230 3.43 -1.23 20.29
C PRO C 230 2.59 -1.00 21.53
N LEU C 231 1.29 -1.30 21.46
CA LEU C 231 0.46 -1.14 22.65
C LEU C 231 0.77 -2.13 23.76
N GLY C 232 1.51 -3.19 23.43
CA GLY C 232 1.94 -4.16 24.45
C GLY C 232 0.85 -5.05 25.02
N ARG C 233 -0.27 -5.18 24.32
CA ARG C 233 -1.34 -6.05 24.76
C ARG C 233 -2.13 -6.61 23.58
N LEU C 234 -2.90 -7.66 23.86
CA LEU C 234 -3.84 -8.20 22.89
C LEU C 234 -5.03 -7.27 22.79
N GLY C 235 -5.65 -7.24 21.62
CA GLY C 235 -6.91 -6.50 21.45
C GLY C 235 -8.04 -7.30 22.03
N GLN C 236 -9.06 -6.63 22.53
CA GLN C 236 -10.29 -7.29 22.94
C GLN C 236 -11.27 -7.39 21.77
N ALA C 237 -12.10 -8.44 21.78
CA ALA C 237 -13.12 -8.61 20.75
C ALA C 237 -14.03 -7.39 20.73
N GLU C 238 -14.37 -6.88 21.91
CA GLU C 238 -15.16 -5.63 22.02
C GLU C 238 -14.52 -4.45 21.23
N GLU C 239 -13.20 -4.39 21.22
CA GLU C 239 -12.49 -3.32 20.56
C GLU C 239 -12.60 -3.38 19.03
N ILE C 240 -12.77 -4.58 18.48
CA ILE C 240 -13.15 -4.69 17.08
C ILE C 240 -14.61 -4.24 16.90
N ALA C 241 -15.48 -4.69 17.81
CA ALA C 241 -16.90 -4.36 17.73
C ALA C 241 -17.18 -2.88 17.77
N LYS C 242 -16.40 -2.13 18.51
CA LYS C 242 -16.60 -0.67 18.60
C LYS C 242 -16.37 0.01 17.29
N VAL C 243 -15.32 -0.43 16.59
CA VAL C 243 -14.99 0.12 15.27
C VAL C 243 -16.14 -0.20 14.32
N VAL C 244 -16.63 -1.44 14.36
CA VAL C 244 -17.74 -1.83 13.51
C VAL C 244 -18.97 -0.96 13.81
N GLY C 245 -19.25 -0.73 15.09
CA GLY C 245 -20.37 0.09 15.50
C GLY C 245 -20.26 1.49 14.94
N PHE C 246 -19.09 2.08 15.00
CA PHE C 246 -18.91 3.40 14.41
C PHE C 246 -19.17 3.41 12.87
N LEU C 247 -18.59 2.43 12.17
CA LEU C 247 -18.66 2.42 10.72
C LEU C 247 -20.09 2.24 10.30
N ALA C 248 -20.85 1.56 11.15
CA ALA C 248 -22.28 1.40 10.93
C ALA C 248 -23.14 2.67 11.10
N SER C 249 -22.61 3.69 11.78
CA SER C 249 -23.35 4.90 12.12
C SER C 249 -23.51 5.87 10.95
N ASP C 250 -24.33 6.89 11.14
CA ASP C 250 -24.47 7.96 10.15
C ASP C 250 -23.22 8.84 10.02
N GLY C 251 -22.47 9.00 11.11
CA GLY C 251 -21.25 9.80 11.06
C GLY C 251 -20.19 9.23 10.14
N ALA C 252 -20.28 7.93 9.85
CA ALA C 252 -19.28 7.26 9.00
C ALA C 252 -19.73 7.21 7.56
N ALA C 253 -20.66 8.08 7.19
CA ALA C 253 -21.30 7.98 5.87
C ALA C 253 -20.35 8.34 4.71
N TYR C 254 -19.31 9.11 4.97
CA TYR C 254 -18.36 9.46 3.90
C TYR C 254 -17.15 8.51 3.91
N VAL C 255 -17.12 7.54 4.84
CA VAL C 255 -16.07 6.53 4.87
C VAL C 255 -16.57 5.33 4.09
N THR C 256 -15.92 5.06 2.95
CA THR C 256 -16.28 3.90 2.14
C THR C 256 -15.08 3.44 1.34
N GLY C 257 -14.99 2.13 1.14
CA GLY C 257 -13.86 1.51 0.46
C GLY C 257 -12.63 1.32 1.34
N ALA C 258 -12.74 1.70 2.62
CA ALA C 258 -11.65 1.71 3.56
C ALA C 258 -11.50 0.38 4.30
N THR C 259 -10.26 0.06 4.65
CA THR C 259 -9.96 -1.05 5.56
C THR C 259 -9.28 -0.42 6.76
N VAL C 260 -9.96 -0.45 7.91
CA VAL C 260 -9.48 0.11 9.14
C VAL C 260 -8.72 -0.96 9.90
N PRO C 261 -7.43 -0.76 10.10
CA PRO C 261 -6.73 -1.79 10.86
C PRO C 261 -6.90 -1.53 12.35
N VAL C 262 -7.12 -2.61 13.10
CA VAL C 262 -7.36 -2.56 14.53
C VAL C 262 -6.40 -3.56 15.16
N ASN C 263 -5.15 -3.13 15.32
CA ASN C 263 -4.09 -4.08 15.56
C ASN C 263 -3.06 -3.63 16.57
N GLY C 264 -3.37 -2.61 17.34
CA GLY C 264 -2.45 -2.11 18.36
C GLY C 264 -1.10 -1.61 17.81
N GLY C 265 -1.03 -1.35 16.51
CA GLY C 265 0.19 -0.84 15.90
C GLY C 265 1.11 -1.87 15.26
N MET C 266 0.74 -3.14 15.29
CA MET C 266 1.48 -4.20 14.63
C MET C 266 1.02 -4.29 13.18
N TYR C 267 1.82 -3.85 12.22
CA TYR C 267 1.45 -3.96 10.81
C TYR C 267 2.34 -4.99 10.11
N MET C 268 1.74 -6.02 9.54
CA MET C 268 2.53 -7.07 8.86
C MET C 268 1.83 -7.50 7.56
N SER C 269 2.62 -7.65 6.50
CA SER C 269 2.01 -7.96 5.18
C SER C 269 3.02 -8.58 4.22
N TYR D 19 26.78 -27.36 -26.41
CA TYR D 19 26.66 -25.88 -26.17
C TYR D 19 26.19 -25.49 -24.74
N PHE D 20 27.03 -24.78 -23.99
CA PHE D 20 26.73 -24.49 -22.58
C PHE D 20 26.66 -23.00 -22.26
N GLN D 21 25.49 -22.51 -21.90
CA GLN D 21 25.25 -21.09 -21.68
C GLN D 21 25.96 -20.51 -20.44
N SER D 22 26.16 -19.19 -20.42
CA SER D 22 26.38 -18.43 -19.20
C SER D 22 25.71 -16.99 -19.26
N MET D 23 25.09 -16.55 -18.15
CA MET D 23 24.30 -15.30 -17.98
C MET D 23 23.37 -14.80 -19.12
N SER D 24 22.61 -15.75 -19.66
CA SER D 24 21.89 -15.63 -20.90
C SER D 24 20.54 -16.43 -20.73
N LEU D 25 19.55 -16.30 -21.64
CA LEU D 25 18.39 -17.18 -21.51
C LEU D 25 18.55 -18.41 -22.41
N GLN D 26 19.69 -18.56 -23.08
CA GLN D 26 19.93 -19.71 -23.99
C GLN D 26 19.59 -21.05 -23.41
N GLY D 27 18.88 -21.86 -24.18
CA GLY D 27 18.56 -23.22 -23.76
C GLY D 27 17.47 -23.28 -22.71
N LYS D 28 16.96 -22.10 -22.32
CA LYS D 28 15.83 -22.08 -21.41
C LYS D 28 14.63 -22.12 -22.33
N VAL D 29 13.59 -22.81 -21.86
CA VAL D 29 12.34 -22.83 -22.59
C VAL D 29 11.34 -21.92 -21.88
N ALA D 30 10.74 -21.02 -22.65
CA ALA D 30 9.82 -20.04 -22.13
C ALA D 30 8.42 -20.22 -22.70
N LEU D 31 7.44 -20.17 -21.83
CA LEU D 31 6.05 -20.25 -22.24
C LEU D 31 5.41 -18.89 -22.02
N VAL D 32 4.91 -18.28 -23.08
CA VAL D 32 4.30 -16.96 -23.01
C VAL D 32 2.91 -17.11 -23.54
N THR D 33 1.90 -16.88 -22.72
CA THR D 33 0.52 -17.05 -23.13
C THR D 33 0.03 -15.75 -23.73
N GLY D 34 -0.95 -15.87 -24.62
CA GLY D 34 -1.52 -14.70 -25.31
C GLY D 34 -0.43 -13.95 -26.03
N ALA D 35 0.24 -14.62 -26.94
CA ALA D 35 1.45 -14.08 -27.58
C ALA D 35 1.23 -13.67 -29.02
N SER D 36 -0.02 -13.56 -29.44
CA SER D 36 -0.32 -13.35 -30.87
C SER D 36 -0.20 -11.89 -31.31
N ARG D 37 -0.31 -10.96 -30.36
CA ARG D 37 -0.22 -9.53 -30.68
C ARG D 37 0.22 -8.72 -29.46
N GLY D 38 0.40 -7.42 -29.65
CA GLY D 38 0.67 -6.49 -28.55
C GLY D 38 1.81 -6.86 -27.62
N ILE D 39 1.53 -6.69 -26.33
CA ILE D 39 2.47 -6.93 -25.28
C ILE D 39 2.98 -8.37 -25.28
N GLY D 40 2.08 -9.33 -25.44
CA GLY D 40 2.46 -10.75 -25.50
C GLY D 40 3.46 -11.07 -26.60
N GLN D 41 3.17 -10.60 -27.80
CA GLN D 41 4.05 -10.83 -28.91
C GLN D 41 5.43 -10.22 -28.63
N ALA D 42 5.44 -9.01 -28.08
CA ALA D 42 6.68 -8.30 -27.83
C ALA D 42 7.50 -9.03 -26.76
N ILE D 43 6.84 -9.54 -25.74
CA ILE D 43 7.49 -10.38 -24.74
C ILE D 43 8.12 -11.63 -25.36
N ALA D 44 7.38 -12.32 -26.22
CA ALA D 44 7.90 -13.53 -26.85
C ALA D 44 9.11 -13.21 -27.69
N LEU D 45 9.07 -12.09 -28.40
CA LEU D 45 10.23 -11.71 -29.20
C LEU D 45 11.44 -11.35 -28.35
N GLU D 46 11.21 -10.73 -27.19
CA GLU D 46 12.31 -10.28 -26.33
C GLU D 46 13.00 -11.49 -25.69
N LEU D 47 12.21 -12.45 -25.22
CA LEU D 47 12.76 -13.67 -24.66
C LEU D 47 13.50 -14.46 -25.74
N GLY D 48 12.93 -14.51 -26.95
CA GLY D 48 13.63 -15.11 -28.09
C GLY D 48 14.95 -14.43 -28.36
N ARG D 49 14.92 -13.11 -28.39
CA ARG D 49 16.11 -12.30 -28.66
C ARG D 49 17.18 -12.56 -27.59
N LEU D 50 16.75 -12.80 -26.36
CA LEU D 50 17.68 -13.09 -25.28
C LEU D 50 18.15 -14.54 -25.29
N GLY D 51 17.72 -15.31 -26.28
CA GLY D 51 18.23 -16.67 -26.50
C GLY D 51 17.32 -17.82 -26.08
N ALA D 52 16.17 -17.51 -25.53
CA ALA D 52 15.23 -18.55 -25.09
C ALA D 52 14.62 -19.23 -26.28
N VAL D 53 14.29 -20.50 -26.11
CA VAL D 53 13.39 -21.19 -27.04
C VAL D 53 11.98 -20.80 -26.56
N VAL D 54 11.15 -20.27 -27.44
CA VAL D 54 9.91 -19.65 -27.01
C VAL D 54 8.66 -20.38 -27.52
N ILE D 55 7.77 -20.74 -26.60
CA ILE D 55 6.45 -21.24 -26.97
C ILE D 55 5.40 -20.20 -26.64
N GLY D 56 4.84 -19.57 -27.68
CA GLY D 56 3.78 -18.55 -27.53
C GLY D 56 2.45 -19.25 -27.70
N THR D 57 1.42 -18.80 -26.96
CA THR D 57 0.10 -19.41 -27.07
C THR D 57 -0.99 -18.41 -27.45
N ALA D 58 -2.05 -18.96 -28.02
CA ALA D 58 -3.24 -18.23 -28.39
C ALA D 58 -4.39 -19.20 -28.18
N THR D 59 -5.61 -18.68 -28.24
CA THR D 59 -6.80 -19.49 -28.00
C THR D 59 -7.32 -20.15 -29.29
N SER D 60 -6.91 -19.61 -30.45
CA SER D 60 -7.33 -20.13 -31.75
C SER D 60 -6.17 -20.69 -32.55
N ALA D 61 -6.46 -21.65 -33.42
CA ALA D 61 -5.49 -22.20 -34.36
C ALA D 61 -4.87 -21.09 -35.19
N SER D 62 -5.70 -20.13 -35.60
CA SER D 62 -5.24 -19.00 -36.38
C SER D 62 -4.19 -18.16 -35.65
N GLY D 63 -4.47 -17.86 -34.38
CA GLY D 63 -3.53 -17.11 -33.55
C GLY D 63 -2.23 -17.85 -33.31
N ALA D 64 -2.33 -19.17 -33.12
CA ALA D 64 -1.16 -20.01 -32.87
C ALA D 64 -0.27 -20.12 -34.10
N GLU D 65 -0.87 -20.03 -35.28
CA GLU D 65 -0.15 -20.12 -36.53
C GLU D 65 0.56 -18.80 -36.76
N LYS D 66 -0.12 -17.73 -36.41
CA LYS D 66 0.46 -16.40 -36.51
C LYS D 66 1.70 -16.29 -35.62
N ILE D 67 1.61 -16.84 -34.42
CA ILE D 67 2.74 -16.86 -33.51
C ILE D 67 3.93 -17.60 -34.10
N ALA D 68 3.69 -18.82 -34.60
CA ALA D 68 4.77 -19.59 -35.25
C ALA D 68 5.42 -18.81 -36.39
N GLU D 69 4.63 -18.13 -37.21
CA GLU D 69 5.18 -17.35 -38.33
C GLU D 69 6.03 -16.18 -37.84
N THR D 70 5.51 -15.44 -36.86
CA THR D 70 6.22 -14.31 -36.28
C THR D 70 7.55 -14.73 -35.66
N LEU D 71 7.55 -15.85 -34.94
CA LEU D 71 8.79 -16.35 -34.35
C LEU D 71 9.80 -16.72 -35.45
N LYS D 72 9.31 -17.38 -36.50
CA LYS D 72 10.17 -17.80 -37.60
C LYS D 72 10.80 -16.58 -38.30
N ALA D 73 9.97 -15.60 -38.60
CA ALA D 73 10.41 -14.34 -39.19
C ALA D 73 11.43 -13.58 -38.38
N ASN D 74 11.58 -13.90 -37.08
CA ASN D 74 12.55 -13.19 -36.23
C ASN D 74 13.72 -14.03 -35.75
N GLY D 75 13.88 -15.21 -36.33
CA GLY D 75 14.98 -16.09 -35.97
C GLY D 75 14.83 -16.79 -34.62
N VAL D 76 13.63 -16.74 -34.04
CA VAL D 76 13.39 -17.33 -32.73
C VAL D 76 12.96 -18.77 -32.88
N GLU D 77 13.70 -19.67 -32.24
CA GLU D 77 13.33 -21.07 -32.21
C GLU D 77 12.18 -21.23 -31.25
N GLY D 78 11.22 -22.08 -31.61
CA GLY D 78 10.13 -22.43 -30.72
C GLY D 78 8.89 -22.84 -31.50
N ALA D 79 7.73 -22.37 -31.05
CA ALA D 79 6.46 -22.81 -31.63
C ALA D 79 5.31 -21.93 -31.18
N GLY D 80 4.18 -22.07 -31.87
CA GLY D 80 2.93 -21.46 -31.47
C GLY D 80 1.93 -22.56 -31.22
N LEU D 81 1.20 -22.47 -30.10
CA LEU D 81 0.25 -23.50 -29.70
C LEU D 81 -1.10 -22.94 -29.31
N VAL D 82 -2.09 -23.80 -29.24
CA VAL D 82 -3.40 -23.45 -28.76
C VAL D 82 -3.48 -23.83 -27.30
N LEU D 83 -3.83 -22.86 -26.47
CA LEU D 83 -3.99 -23.08 -25.05
C LEU D 83 -5.19 -22.31 -24.54
N ASP D 84 -6.05 -23.02 -23.80
CA ASP D 84 -7.17 -22.41 -23.09
C ASP D 84 -6.81 -22.53 -21.60
N VAL D 85 -6.37 -21.41 -21.03
CA VAL D 85 -5.94 -21.37 -19.62
C VAL D 85 -7.11 -21.56 -18.64
N SER D 86 -8.36 -21.50 -19.12
CA SER D 86 -9.53 -21.80 -18.26
C SER D 86 -9.78 -23.29 -18.10
N SER D 87 -9.01 -24.16 -18.80
CA SER D 87 -9.28 -25.60 -18.88
C SER D 87 -8.15 -26.50 -18.39
N ASP D 88 -8.39 -27.28 -17.33
CA ASP D 88 -7.36 -28.16 -16.80
C ASP D 88 -6.81 -29.13 -17.84
N GLU D 89 -7.70 -29.66 -18.67
CA GLU D 89 -7.29 -30.57 -19.74
C GLU D 89 -6.30 -29.90 -20.71
N SER D 90 -6.70 -28.78 -21.30
CA SER D 90 -5.87 -28.06 -22.28
C SER D 90 -4.49 -27.71 -21.72
N VAL D 91 -4.46 -27.26 -20.48
CA VAL D 91 -3.22 -26.97 -19.80
C VAL D 91 -2.33 -28.22 -19.74
N ALA D 92 -2.84 -29.31 -19.18
CA ALA D 92 -2.06 -30.55 -19.05
C ALA D 92 -1.54 -31.06 -20.40
N ALA D 93 -2.41 -30.99 -21.40
CA ALA D 93 -2.09 -31.48 -22.73
C ALA D 93 -1.01 -30.64 -23.39
N THR D 94 -1.20 -29.33 -23.31
CA THR D 94 -0.21 -28.37 -23.81
C THR D 94 1.19 -28.56 -23.16
N LEU D 95 1.21 -28.74 -21.86
CA LEU D 95 2.47 -28.97 -21.17
C LEU D 95 3.13 -30.27 -21.62
N GLU D 96 2.33 -31.34 -21.73
CA GLU D 96 2.84 -32.65 -22.22
C GLU D 96 3.50 -32.46 -23.59
N HIS D 97 2.81 -31.79 -24.50
CA HIS D 97 3.37 -31.58 -25.83
C HIS D 97 4.69 -30.84 -25.76
N ILE D 98 4.76 -29.84 -24.88
CA ILE D 98 5.98 -29.05 -24.75
C ILE D 98 7.13 -29.93 -24.23
N GLN D 99 6.86 -30.70 -23.17
CA GLN D 99 7.79 -31.70 -22.60
C GLN D 99 8.32 -32.71 -23.60
N GLN D 100 7.44 -33.28 -24.42
CA GLN D 100 7.85 -34.25 -25.43
C GLN D 100 8.87 -33.64 -26.40
N HIS D 101 8.52 -32.50 -26.97
CA HIS D 101 9.26 -31.92 -28.10
C HIS D 101 10.44 -31.05 -27.67
N LEU D 102 10.26 -30.23 -26.64
CA LEU D 102 11.26 -29.19 -26.33
C LEU D 102 11.85 -29.21 -24.94
N GLY D 103 11.19 -29.86 -23.98
CA GLY D 103 11.66 -29.87 -22.60
C GLY D 103 10.77 -29.00 -21.71
N GLN D 104 10.93 -29.10 -20.41
CA GLN D 104 10.06 -28.36 -19.45
C GLN D 104 10.29 -26.83 -19.48
N PRO D 105 9.18 -26.04 -19.54
CA PRO D 105 9.31 -24.57 -19.61
C PRO D 105 9.62 -24.05 -18.22
N LEU D 106 10.75 -23.37 -18.05
CA LEU D 106 11.18 -22.87 -16.74
C LEU D 106 10.99 -21.37 -16.61
N ILE D 107 10.62 -20.73 -17.70
CA ILE D 107 10.16 -19.36 -17.67
C ILE D 107 8.72 -19.36 -18.17
N VAL D 108 7.80 -18.83 -17.39
CA VAL D 108 6.42 -18.78 -17.80
C VAL D 108 5.89 -17.37 -17.59
N VAL D 109 5.45 -16.72 -18.67
CA VAL D 109 4.84 -15.39 -18.61
C VAL D 109 3.33 -15.49 -18.86
N ASN D 110 2.53 -15.16 -17.86
CA ASN D 110 1.08 -15.20 -17.99
C ASN D 110 0.59 -13.86 -18.47
N ASN D 111 0.13 -13.80 -19.69
CA ASN D 111 -0.27 -12.53 -20.26
C ASN D 111 -1.77 -12.47 -20.48
N ALA D 112 -2.29 -13.44 -21.22
CA ALA D 112 -3.71 -13.28 -21.71
C ALA D 112 -3.78 -12.29 -22.90
N ASP D 125 -20.75 -0.49 -12.93
CA ASP D 125 -19.53 -1.26 -12.92
C ASP D 125 -19.65 -2.46 -12.01
N ASP D 126 -20.13 -3.55 -12.59
CA ASP D 126 -20.51 -4.77 -11.86
C ASP D 126 -19.89 -6.04 -12.48
N GLU D 127 -19.00 -5.86 -13.46
CA GLU D 127 -18.24 -6.96 -14.12
C GLU D 127 -16.93 -7.35 -13.38
N TRP D 128 -16.42 -6.43 -12.55
CA TRP D 128 -15.13 -6.58 -11.91
C TRP D 128 -14.91 -7.88 -11.16
N PHE D 129 -15.90 -8.33 -10.42
CA PHE D 129 -15.69 -9.48 -9.62
C PHE D 129 -15.44 -10.70 -10.49
N ASP D 130 -16.25 -10.89 -11.52
CA ASP D 130 -16.11 -12.08 -12.36
CA ASP D 130 -16.11 -12.06 -12.40
C ASP D 130 -14.79 -12.05 -13.13
N VAL D 131 -14.40 -10.88 -13.59
CA VAL D 131 -13.16 -10.73 -14.39
C VAL D 131 -11.94 -11.13 -13.57
N VAL D 132 -11.78 -10.47 -12.42
CA VAL D 132 -10.61 -10.71 -11.55
C VAL D 132 -10.56 -12.18 -11.15
N ASN D 133 -11.71 -12.71 -10.72
CA ASN D 133 -11.80 -14.11 -10.29
C ASN D 133 -11.34 -15.09 -11.34
N THR D 134 -11.75 -14.83 -12.58
CA THR D 134 -11.38 -15.64 -13.69
C THR D 134 -9.90 -15.55 -13.98
N ASN D 135 -9.33 -14.35 -13.99
CA ASN D 135 -7.87 -14.19 -14.16
C ASN D 135 -7.06 -14.96 -13.14
N LEU D 136 -7.44 -14.85 -11.88
CA LEU D 136 -6.64 -15.49 -10.85
C LEU D 136 -6.76 -17.01 -10.90
N ASN D 137 -7.93 -17.53 -11.22
CA ASN D 137 -8.05 -18.97 -11.39
C ASN D 137 -7.18 -19.48 -12.52
N SER D 138 -7.12 -18.72 -13.60
CA SER D 138 -6.26 -19.10 -14.73
C SER D 138 -4.77 -19.05 -14.39
N LEU D 139 -4.31 -17.97 -13.78
CA LEU D 139 -2.94 -17.93 -13.26
C LEU D 139 -2.65 -19.11 -12.37
N TYR D 140 -3.52 -19.36 -11.40
CA TYR D 140 -3.29 -20.41 -10.42
C TYR D 140 -3.18 -21.79 -11.06
N ARG D 141 -4.10 -22.07 -11.98
CA ARG D 141 -4.10 -23.31 -12.74
C ARG D 141 -2.78 -23.52 -13.49
N LEU D 142 -2.43 -22.53 -14.31
CA LEU D 142 -1.22 -22.62 -15.11
C LEU D 142 0.06 -22.66 -14.25
N SER D 143 0.11 -21.83 -13.23
CA SER D 143 1.27 -21.79 -12.36
C SER D 143 1.49 -23.14 -11.65
N LYS D 144 0.43 -23.69 -11.06
CA LYS D 144 0.53 -24.98 -10.39
C LYS D 144 1.03 -26.10 -11.30
N ALA D 145 0.60 -26.06 -12.56
CA ALA D 145 0.96 -27.08 -13.53
C ALA D 145 2.44 -27.01 -13.89
N VAL D 146 2.94 -25.79 -14.15
CA VAL D 146 4.35 -25.61 -14.56
C VAL D 146 5.31 -25.77 -13.39
N LEU D 147 4.80 -25.74 -12.16
CA LEU D 147 5.65 -25.80 -10.97
C LEU D 147 6.36 -27.11 -10.78
N ARG D 148 5.78 -28.20 -11.27
CA ARG D 148 6.43 -29.50 -11.06
C ARG D 148 7.78 -29.54 -11.77
N GLY D 149 7.81 -29.08 -13.02
CA GLY D 149 9.05 -29.00 -13.77
C GLY D 149 10.07 -28.04 -13.18
N MET D 150 9.59 -26.92 -12.63
CA MET D 150 10.47 -25.97 -11.99
C MET D 150 11.04 -26.51 -10.69
N THR D 151 10.19 -27.17 -9.91
CA THR D 151 10.59 -27.84 -8.68
C THR D 151 11.69 -28.89 -8.92
N LYS D 152 11.51 -29.73 -9.94
CA LYS D 152 12.57 -30.68 -10.33
C LYS D 152 13.86 -29.96 -10.65
N ALA D 153 13.77 -28.92 -11.47
CA ALA D 153 14.95 -28.20 -11.95
C ALA D 153 15.62 -27.36 -10.88
N ARG D 154 14.89 -27.09 -9.80
CA ARG D 154 15.29 -26.14 -8.75
C ARG D 154 15.61 -24.77 -9.29
N TRP D 155 14.80 -24.33 -10.25
CA TRP D 155 14.96 -23.03 -10.84
C TRP D 155 13.68 -22.68 -11.58
N GLY D 156 13.25 -21.43 -11.49
CA GLY D 156 12.07 -21.01 -12.21
C GLY D 156 11.86 -19.50 -12.24
N ARG D 157 11.07 -19.06 -13.21
CA ARG D 157 10.60 -17.69 -13.35
C ARG D 157 9.15 -17.69 -13.82
N ILE D 158 8.25 -17.23 -12.96
CA ILE D 158 6.87 -17.01 -13.33
C ILE D 158 6.69 -15.50 -13.28
N ILE D 159 6.16 -14.94 -14.34
CA ILE D 159 5.95 -13.49 -14.45
C ILE D 159 4.53 -13.22 -14.95
N ASN D 160 3.76 -12.43 -14.20
CA ASN D 160 2.34 -12.15 -14.53
C ASN D 160 2.10 -10.76 -15.06
N ILE D 161 1.49 -10.64 -16.21
CA ILE D 161 1.30 -9.33 -16.77
C ILE D 161 -0.07 -8.84 -16.38
N GLY D 162 -0.15 -7.70 -15.72
CA GLY D 162 -1.43 -7.08 -15.41
C GLY D 162 -2.11 -6.44 -16.61
N SER D 163 -3.33 -5.96 -16.42
CA SER D 163 -4.08 -5.38 -17.52
C SER D 163 -3.66 -3.98 -17.86
N VAL D 164 -3.84 -3.61 -19.12
CA VAL D 164 -3.56 -2.26 -19.55
C VAL D 164 -4.69 -1.34 -19.12
N VAL D 165 -4.35 -0.07 -18.93
CA VAL D 165 -5.34 0.94 -18.58
C VAL D 165 -6.16 1.16 -19.86
N GLY D 166 -7.36 0.60 -19.93
CA GLY D 166 -8.04 0.41 -21.22
C GLY D 166 -9.40 1.07 -21.49
N ALA D 167 -10.01 1.67 -20.48
CA ALA D 167 -11.31 2.31 -20.64
C ALA D 167 -11.32 3.50 -19.72
N MET D 168 -11.99 4.56 -20.15
CA MET D 168 -11.86 5.83 -19.43
C MET D 168 -12.87 6.08 -18.28
N GLY D 169 -14.00 5.37 -18.24
CA GLY D 169 -15.05 5.69 -17.27
C GLY D 169 -14.74 5.19 -15.87
N ASN D 170 -15.81 4.93 -15.13
CA ASN D 170 -15.72 4.48 -13.74
C ASN D 170 -15.60 2.99 -13.66
N ALA D 171 -16.36 2.30 -14.53
CA ALA D 171 -16.26 0.86 -14.65
C ALA D 171 -14.84 0.43 -14.95
N GLY D 172 -14.21 1.15 -15.87
CA GLY D 172 -12.85 0.84 -16.25
C GLY D 172 -11.86 0.99 -15.11
N GLN D 173 -11.90 2.13 -14.44
CA GLN D 173 -10.99 2.41 -13.33
C GLN D 173 -11.21 1.46 -12.12
N THR D 174 -12.46 1.06 -11.91
CA THR D 174 -12.80 0.05 -10.89
C THR D 174 -12.23 -1.33 -11.22
N ASN D 175 -12.46 -1.75 -12.46
CA ASN D 175 -11.95 -3.01 -13.00
C ASN D 175 -10.44 -3.08 -12.97
N TYR D 176 -9.81 -2.00 -13.42
CA TYR D 176 -8.36 -1.93 -13.44
C TYR D 176 -7.74 -1.99 -12.04
N ALA D 177 -8.31 -1.28 -11.06
CA ALA D 177 -7.76 -1.29 -9.71
C ALA D 177 -8.00 -2.63 -9.00
N ALA D 178 -9.18 -3.24 -9.24
CA ALA D 178 -9.50 -4.53 -8.65
C ALA D 178 -8.54 -5.60 -9.15
N ALA D 179 -8.37 -5.63 -10.47
CA ALA D 179 -7.46 -6.59 -11.10
C ALA D 179 -6.07 -6.41 -10.57
N LYS D 180 -5.64 -5.16 -10.47
CA LYS D 180 -4.29 -4.88 -10.05
C LYS D 180 -4.09 -5.31 -8.60
N ALA D 181 -5.07 -5.05 -7.74
CA ALA D 181 -4.93 -5.45 -6.33
C ALA D 181 -4.87 -6.97 -6.17
N GLY D 182 -5.76 -7.67 -6.87
CA GLY D 182 -5.79 -9.13 -6.84
C GLY D 182 -4.49 -9.71 -7.35
N LEU D 183 -4.01 -9.16 -8.45
CA LEU D 183 -2.74 -9.60 -9.04
C LEU D 183 -1.55 -9.41 -8.07
N GLU D 184 -1.46 -8.24 -7.44
CA GLU D 184 -0.38 -7.98 -6.50
C GLU D 184 -0.32 -8.99 -5.38
N GLY D 185 -1.45 -9.24 -4.74
CA GLY D 185 -1.50 -10.14 -3.57
C GLY D 185 -1.30 -11.57 -3.97
N PHE D 186 -1.89 -11.93 -5.10
CA PHE D 186 -1.66 -13.24 -5.67
C PHE D 186 -0.18 -13.46 -5.93
N THR D 187 0.45 -12.47 -6.55
CA THR D 187 1.86 -12.61 -6.92
C THR D 187 2.73 -12.74 -5.67
N ARG D 188 2.42 -11.92 -4.66
CA ARG D 188 3.18 -11.91 -3.40
C ARG D 188 3.04 -13.26 -2.70
N ALA D 189 1.83 -13.83 -2.71
CA ALA D 189 1.56 -15.10 -2.01
C ALA D 189 2.21 -16.30 -2.68
N LEU D 190 2.03 -16.43 -3.98
CA LEU D 190 2.63 -17.52 -4.68
C LEU D 190 4.15 -17.46 -4.52
N ALA D 191 4.74 -16.27 -4.62
CA ALA D 191 6.19 -16.11 -4.41
C ALA D 191 6.67 -16.70 -3.10
N ARG D 192 5.89 -16.53 -2.05
CA ARG D 192 6.21 -17.12 -0.74
C ARG D 192 6.13 -18.64 -0.77
N GLU D 193 5.10 -19.17 -1.40
CA GLU D 193 4.88 -20.61 -1.43
C GLU D 193 6.07 -21.31 -2.12
N VAL D 194 6.58 -20.74 -3.20
CA VAL D 194 7.56 -21.43 -4.05
C VAL D 194 8.98 -20.94 -3.91
N GLY D 195 9.21 -19.97 -3.05
CA GLY D 195 10.52 -19.32 -2.96
C GLY D 195 11.66 -20.25 -2.62
N SER D 196 11.43 -21.14 -1.66
CA SER D 196 12.49 -22.06 -1.19
C SER D 196 13.02 -22.96 -2.32
N ARG D 197 12.33 -23.02 -3.44
CA ARG D 197 12.77 -23.82 -4.59
C ARG D 197 13.55 -23.03 -5.64
N ALA D 198 13.98 -21.83 -5.29
CA ALA D 198 14.67 -20.94 -6.25
C ALA D 198 13.81 -20.65 -7.49
N ILE D 199 12.52 -20.49 -7.25
CA ILE D 199 11.57 -20.04 -8.26
C ILE D 199 11.07 -18.67 -7.84
N THR D 200 11.16 -17.69 -8.74
CA THR D 200 10.69 -16.34 -8.42
C THR D 200 9.37 -16.10 -9.11
N VAL D 201 8.54 -15.27 -8.46
CA VAL D 201 7.23 -14.93 -8.98
C VAL D 201 7.01 -13.42 -8.87
N ASN D 202 6.89 -12.78 -10.00
CA ASN D 202 6.78 -11.35 -10.07
C ASN D 202 5.69 -10.96 -11.01
N ALA D 203 5.32 -9.71 -10.99
CA ALA D 203 4.29 -9.23 -11.87
C ALA D 203 4.69 -7.90 -12.48
N VAL D 204 4.08 -7.57 -13.61
CA VAL D 204 4.34 -6.28 -14.24
C VAL D 204 3.02 -5.57 -14.45
N ALA D 205 2.92 -4.34 -13.95
CA ALA D 205 1.67 -3.60 -13.99
C ALA D 205 1.75 -2.49 -15.02
N PRO D 206 1.23 -2.74 -16.21
CA PRO D 206 1.38 -1.71 -17.25
C PRO D 206 0.47 -0.54 -16.95
N GLY D 207 0.86 0.63 -17.44
CA GLY D 207 0.01 1.79 -17.48
C GLY D 207 -0.68 1.88 -18.83
N PHE D 208 -0.55 3.04 -19.45
CA PHE D 208 -1.16 3.29 -20.73
C PHE D 208 -0.20 2.95 -21.82
N ILE D 209 -0.45 1.84 -22.49
CA ILE D 209 0.45 1.35 -23.51
C ILE D 209 -0.21 1.49 -24.85
N ASP D 210 0.60 1.88 -25.83
CA ASP D 210 0.20 1.96 -27.23
C ASP D 210 -0.13 0.56 -27.80
N THR D 211 -1.43 0.21 -27.86
CA THR D 211 -1.91 -1.08 -28.39
C THR D 211 -3.15 -0.83 -29.26
N ASP D 212 -3.53 -1.81 -30.08
CA ASP D 212 -4.83 -1.77 -30.81
C ASP D 212 -6.02 -1.29 -30.00
N MET D 213 -6.13 -1.73 -28.75
CA MET D 213 -7.24 -1.28 -27.89
C MET D 213 -7.22 0.23 -27.63
N THR D 214 -6.03 0.74 -27.34
CA THR D 214 -5.86 2.16 -26.99
C THR D 214 -5.74 3.08 -28.22
N ARG D 215 -5.38 2.54 -29.37
CA ARG D 215 -5.38 3.30 -30.63
C ARG D 215 -6.78 3.70 -31.04
N GLU D 216 -7.75 2.84 -30.73
CA GLU D 216 -9.14 3.05 -31.10
C GLU D 216 -9.86 3.99 -30.12
N LEU D 217 -9.19 4.42 -29.05
CA LEU D 217 -9.76 5.42 -28.15
C LEU D 217 -9.91 6.76 -28.88
N PRO D 218 -11.00 7.52 -28.58
CA PRO D 218 -11.18 8.85 -29.15
C PRO D 218 -10.02 9.82 -28.84
N GLU D 219 -9.75 10.74 -29.75
CA GLU D 219 -8.68 11.73 -29.59
C GLU D 219 -8.79 12.57 -28.31
N ALA D 220 -10.03 12.88 -27.90
CA ALA D 220 -10.25 13.71 -26.70
C ALA D 220 -9.82 13.01 -25.42
N GLN D 221 -10.20 11.75 -25.29
CA GLN D 221 -9.78 10.92 -24.15
C GLN D 221 -8.27 10.71 -24.11
N ARG D 222 -7.62 10.65 -25.26
CA ARG D 222 -6.17 10.46 -25.37
C ARG D 222 -5.40 11.63 -24.79
N GLU D 223 -5.78 12.84 -25.16
CA GLU D 223 -5.08 14.02 -24.66
C GLU D 223 -5.23 14.15 -23.12
N ALA D 224 -6.38 13.74 -22.60
CA ALA D 224 -6.67 13.79 -21.15
C ALA D 224 -5.89 12.72 -20.40
N LEU D 225 -5.71 11.57 -21.05
CA LEU D 225 -4.80 10.50 -20.60
C LEU D 225 -3.37 10.96 -20.47
N LEU D 226 -2.85 11.53 -21.55
CA LEU D 226 -1.46 11.98 -21.61
C LEU D 226 -1.16 12.98 -20.51
N GLY D 227 -2.12 13.84 -20.20
CA GLY D 227 -1.94 14.85 -19.16
C GLY D 227 -1.83 14.28 -17.76
N GLN D 228 -2.28 13.04 -17.57
CA GLN D 228 -2.16 12.34 -16.30
C GLN D 228 -0.83 11.54 -16.17
N ILE D 229 -0.02 11.54 -17.23
CA ILE D 229 1.23 10.78 -17.30
C ILE D 229 2.43 11.72 -17.32
N PRO D 230 3.18 11.79 -16.21
CA PRO D 230 4.38 12.63 -16.15
C PRO D 230 5.33 12.54 -17.36
N LEU D 231 5.60 11.34 -17.87
CA LEU D 231 6.45 11.26 -19.06
C LEU D 231 5.84 11.88 -20.31
N GLY D 232 4.52 12.14 -20.29
CA GLY D 232 3.83 12.75 -21.42
C GLY D 232 3.68 11.87 -22.67
N ARG D 233 3.80 10.57 -22.54
CA ARG D 233 3.61 9.68 -23.70
C ARG D 233 3.02 8.35 -23.31
N LEU D 234 2.54 7.63 -24.30
CA LEU D 234 2.17 6.22 -24.13
C LEU D 234 3.42 5.37 -23.98
N GLY D 235 3.30 4.27 -23.25
CA GLY D 235 4.35 3.27 -23.22
C GLY D 235 4.31 2.40 -24.47
N GLN D 236 5.47 1.91 -24.90
CA GLN D 236 5.52 0.93 -25.99
C GLN D 236 5.44 -0.48 -25.44
N ALA D 237 4.89 -1.39 -26.24
CA ALA D 237 4.82 -2.80 -25.86
C ALA D 237 6.21 -3.36 -25.56
N GLU D 238 7.20 -2.97 -26.35
CA GLU D 238 8.60 -3.36 -26.15
C GLU D 238 9.07 -2.98 -24.74
N GLU D 239 8.60 -1.83 -24.24
CA GLU D 239 9.05 -1.33 -22.95
C GLU D 239 8.51 -2.15 -21.79
N ILE D 240 7.35 -2.81 -21.97
CA ILE D 240 6.92 -3.85 -21.03
C ILE D 240 7.80 -5.11 -21.20
N ALA D 241 8.05 -5.51 -22.45
CA ALA D 241 8.86 -6.72 -22.74
C ALA D 241 10.27 -6.65 -22.14
N LYS D 242 10.88 -5.47 -22.16
CA LYS D 242 12.22 -5.32 -21.58
C LYS D 242 12.24 -5.59 -20.09
N VAL D 243 11.23 -5.08 -19.37
CA VAL D 243 11.10 -5.36 -17.95
C VAL D 243 10.95 -6.88 -17.72
N VAL D 244 10.13 -7.52 -18.52
CA VAL D 244 9.92 -8.97 -18.39
C VAL D 244 11.21 -9.72 -18.64
N GLY D 245 11.95 -9.30 -19.65
CA GLY D 245 13.23 -9.93 -19.98
C GLY D 245 14.20 -9.82 -18.84
N PHE D 246 14.28 -8.65 -18.21
CA PHE D 246 15.13 -8.50 -17.03
C PHE D 246 14.72 -9.40 -15.85
N LEU D 247 13.44 -9.43 -15.53
CA LEU D 247 12.95 -10.26 -14.46
C LEU D 247 13.23 -11.74 -14.71
N ALA D 248 13.23 -12.14 -15.98
CA ALA D 248 13.51 -13.52 -16.36
C ALA D 248 14.99 -13.92 -16.23
N SER D 249 15.87 -12.93 -16.14
CA SER D 249 17.31 -13.17 -16.09
C SER D 249 17.82 -13.64 -14.73
N ASP D 250 19.09 -14.05 -14.70
CA ASP D 250 19.72 -14.48 -13.44
C ASP D 250 19.94 -13.30 -12.48
N GLY D 251 20.16 -12.11 -13.02
CA GLY D 251 20.38 -10.94 -12.19
C GLY D 251 19.16 -10.57 -11.35
N ALA D 252 17.98 -11.05 -11.74
CA ALA D 252 16.74 -10.73 -11.02
C ALA D 252 16.38 -11.81 -10.04
N ALA D 253 17.36 -12.63 -9.66
CA ALA D 253 17.07 -13.81 -8.86
C ALA D 253 16.60 -13.47 -7.45
N TYR D 254 16.98 -12.30 -6.94
CA TYR D 254 16.60 -11.93 -5.58
C TYR D 254 15.35 -11.04 -5.58
N VAL D 255 14.78 -10.80 -6.76
CA VAL D 255 13.52 -10.10 -6.89
C VAL D 255 12.39 -11.12 -6.98
N THR D 256 11.52 -11.15 -5.98
CA THR D 256 10.36 -12.06 -6.00
C THR D 256 9.22 -11.48 -5.16
N GLY D 257 8.01 -11.75 -5.62
CA GLY D 257 6.80 -11.22 -4.97
C GLY D 257 6.48 -9.78 -5.33
N ALA D 258 7.28 -9.23 -6.24
CA ALA D 258 7.20 -7.81 -6.59
C ALA D 258 6.24 -7.59 -7.76
N THR D 259 5.59 -6.43 -7.75
CA THR D 259 4.87 -5.94 -8.91
C THR D 259 5.56 -4.67 -9.34
N VAL D 260 6.17 -4.71 -10.52
CA VAL D 260 6.90 -3.58 -11.07
C VAL D 260 5.93 -2.77 -11.93
N PRO D 261 5.68 -1.53 -11.54
CA PRO D 261 4.81 -0.74 -12.37
C PRO D 261 5.60 -0.12 -13.51
N VAL D 262 5.02 -0.16 -14.71
CA VAL D 262 5.65 0.34 -15.93
C VAL D 262 4.63 1.27 -16.56
N ASN D 263 4.54 2.49 -16.02
CA ASN D 263 3.39 3.35 -16.28
C ASN D 263 3.72 4.81 -16.48
N GLY D 264 4.97 5.13 -16.74
CA GLY D 264 5.36 6.50 -17.00
C GLY D 264 5.07 7.45 -15.88
N GLY D 265 4.82 6.94 -14.68
CA GLY D 265 4.57 7.80 -13.51
C GLY D 265 3.12 8.07 -13.14
N MET D 266 2.18 7.49 -13.90
CA MET D 266 0.75 7.58 -13.60
C MET D 266 0.38 6.45 -12.65
N TYR D 267 0.11 6.75 -11.38
CA TYR D 267 -0.27 5.69 -10.40
C TYR D 267 -1.71 5.85 -9.97
N MET D 268 -2.46 4.76 -10.03
CA MET D 268 -3.91 4.85 -9.99
C MET D 268 -4.47 3.64 -9.29
N SER D 269 -5.14 3.85 -8.15
CA SER D 269 -5.78 2.77 -7.37
C SER D 269 -7.16 3.17 -6.89
#